data_3K32
#
_entry.id   3K32
#
_cell.length_a   71.669
_cell.length_b   121.951
_cell.length_c   81.224
_cell.angle_alpha   90.00
_cell.angle_beta   116.70
_cell.angle_gamma   90.00
#
_symmetry.space_group_name_H-M   'P 1 21 1'
#
loop_
_entity.id
_entity.type
_entity.pdbx_description
1 polymer 'Uncharacterized protein MJ0690'
2 non-polymer GLYCEROL
3 water water
#
_entity_poly.entity_id   1
_entity_poly.type   'polypeptide(L)'
_entity_poly.pdbx_seq_one_letter_code
;SNA(MSE)KL(MSE)DVHVLFSGGKDSSLSAVILKKLGYNPHLITINFGVIPSYKLAEETAKILGFKHKVITLDRKIVEK
AAD(MSE)IIEHKYPGPAIQYVHKTVLEILADEYSILADGTRRDDRVPKLSYSEIQSLE(MSE)RKNIQYITPL(MSE)G
FGYKTLRHLASEFFILEEIKSGTKLSSDYEAEIRHILKERGESPEKYFPEHKQTRVVGLKKEI
;
_entity_poly.pdbx_strand_id   A,B,C,D,E,F
#
loop_
_chem_comp.id
_chem_comp.type
_chem_comp.name
_chem_comp.formula
GOL non-polymer GLYCEROL 'C3 H8 O3'
#
# COMPACT_ATOMS: atom_id res chain seq x y z
N LEU A 6 -19.80 0.37 -38.23
CA LEU A 6 -18.72 0.48 -37.24
C LEU A 6 -17.53 -0.38 -37.64
N MSE A 7 -16.39 -0.13 -37.01
CA MSE A 7 -15.19 -0.91 -37.28
C MSE A 7 -15.16 -2.09 -36.33
O MSE A 7 -15.62 -1.98 -35.20
CB MSE A 7 -13.96 -0.03 -37.09
CG MSE A 7 -12.70 -0.60 -37.70
SE MSE A 7 -12.63 -0.30 -39.61
CE MSE A 7 -10.80 -0.90 -39.92
N ASP A 8 -14.64 -3.22 -36.76
CA ASP A 8 -14.71 -4.42 -35.94
C ASP A 8 -13.50 -4.59 -35.05
N VAL A 9 -13.77 -4.98 -33.80
CA VAL A 9 -12.70 -5.24 -32.86
C VAL A 9 -12.94 -6.56 -32.12
N HIS A 10 -11.88 -7.38 -32.08
CA HIS A 10 -11.94 -8.65 -31.40
C HIS A 10 -11.35 -8.53 -29.99
N VAL A 11 -12.23 -8.71 -29.01
CA VAL A 11 -11.92 -8.44 -27.64
C VAL A 11 -11.79 -9.72 -26.81
N LEU A 12 -10.58 -9.98 -26.29
CA LEU A 12 -10.42 -11.03 -25.28
C LEU A 12 -11.31 -10.68 -24.11
N PHE A 13 -12.24 -11.58 -23.78
CA PHE A 13 -13.34 -11.23 -22.88
C PHE A 13 -13.59 -12.30 -21.83
N SER A 14 -13.73 -11.85 -20.58
CA SER A 14 -13.81 -12.76 -19.44
C SER A 14 -15.19 -12.78 -18.80
N GLY A 15 -15.94 -11.69 -18.95
CA GLY A 15 -17.26 -11.56 -18.35
C GLY A 15 -17.29 -10.85 -17.01
N GLY A 16 -16.11 -10.52 -16.49
CA GLY A 16 -16.03 -9.76 -15.26
C GLY A 16 -16.31 -8.29 -15.44
N LYS A 17 -16.58 -7.64 -14.31
CA LYS A 17 -16.66 -6.19 -14.20
C LYS A 17 -15.90 -5.46 -15.29
N ASP A 18 -14.58 -5.53 -15.18
CA ASP A 18 -13.70 -4.65 -15.95
C ASP A 18 -13.56 -5.14 -17.38
N SER A 19 -13.59 -6.45 -17.57
CA SER A 19 -13.64 -7.00 -18.90
C SER A 19 -14.85 -6.43 -19.65
N SER A 20 -16.00 -6.44 -18.98
CA SER A 20 -17.21 -5.89 -19.58
C SER A 20 -17.04 -4.38 -19.86
N LEU A 21 -16.35 -3.68 -18.96
CA LEU A 21 -16.05 -2.25 -19.15
C LEU A 21 -15.25 -1.98 -20.43
N SER A 22 -14.26 -2.83 -20.69
CA SER A 22 -13.45 -2.69 -21.88
C SER A 22 -14.32 -2.76 -23.14
N ALA A 23 -15.29 -3.66 -23.13
CA ALA A 23 -16.18 -3.86 -24.27
C ALA A 23 -17.13 -2.68 -24.44
N VAL A 24 -17.59 -2.13 -23.32
CA VAL A 24 -18.49 -1.00 -23.37
C VAL A 24 -17.81 0.26 -23.86
N ILE A 25 -16.59 0.48 -23.40
CA ILE A 25 -15.82 1.62 -23.87
C ILE A 25 -15.65 1.58 -25.40
N LEU A 26 -15.33 0.40 -25.93
CA LEU A 26 -15.09 0.24 -27.36
C LEU A 26 -16.33 0.54 -28.21
N LYS A 27 -17.48 0.08 -27.74
CA LYS A 27 -18.78 0.46 -28.29
C LYS A 27 -18.97 1.99 -28.40
N LYS A 28 -18.79 2.70 -27.30
CA LYS A 28 -19.06 4.14 -27.26
C LYS A 28 -18.16 4.90 -28.24
N LEU A 29 -16.96 4.38 -28.44
CA LEU A 29 -16.03 4.99 -29.38
C LEU A 29 -16.32 4.58 -30.82
N GLY A 30 -17.41 3.84 -31.02
CA GLY A 30 -17.86 3.49 -32.36
C GLY A 30 -17.35 2.16 -32.91
N TYR A 31 -16.74 1.32 -32.08
CA TYR A 31 -16.37 -0.01 -32.53
C TYR A 31 -17.58 -0.94 -32.46
N ASN A 32 -17.53 -2.00 -33.25
CA ASN A 32 -18.47 -3.10 -33.12
C ASN A 32 -17.73 -4.20 -32.39
N PRO A 33 -18.03 -4.40 -31.11
CA PRO A 33 -17.17 -5.32 -30.35
C PRO A 33 -17.58 -6.77 -30.55
N HIS A 34 -16.64 -7.57 -31.08
CA HIS A 34 -16.83 -9.02 -31.18
C HIS A 34 -16.10 -9.67 -30.03
N LEU A 35 -16.85 -10.10 -29.03
CA LEU A 35 -16.30 -10.75 -27.85
C LEU A 35 -15.83 -12.17 -28.15
N ILE A 36 -14.64 -12.48 -27.69
CA ILE A 36 -14.13 -13.82 -27.87
C ILE A 36 -13.57 -14.32 -26.55
N THR A 37 -13.84 -15.59 -26.26
CA THR A 37 -13.30 -16.18 -25.07
C THR A 37 -12.59 -17.45 -25.46
N ILE A 38 -11.44 -17.65 -24.85
CA ILE A 38 -10.58 -18.75 -25.23
C ILE A 38 -10.88 -20.00 -24.41
N ASN A 39 -10.95 -21.13 -25.10
CA ASN A 39 -11.05 -22.42 -24.44
C ASN A 39 -10.01 -23.38 -25.02
N PHE A 40 -9.32 -24.14 -24.17
CA PHE A 40 -8.34 -25.11 -24.67
C PHE A 40 -8.84 -26.56 -24.67
N GLY A 41 -10.16 -26.72 -24.79
CA GLY A 41 -10.78 -28.04 -24.88
C GLY A 41 -10.61 -28.91 -23.66
N VAL A 42 -10.53 -28.31 -22.48
CA VAL A 42 -10.29 -29.08 -21.26
C VAL A 42 -11.57 -29.17 -20.44
N ILE A 43 -12.04 -28.02 -19.95
CA ILE A 43 -13.39 -27.86 -19.41
C ILE A 43 -14.01 -26.59 -19.99
N PRO A 44 -15.35 -26.58 -20.15
CA PRO A 44 -16.02 -25.39 -20.69
C PRO A 44 -16.12 -24.23 -19.68
N SER A 45 -15.01 -23.55 -19.41
CA SER A 45 -15.04 -22.43 -18.46
C SER A 45 -15.58 -21.13 -19.07
N TYR A 46 -15.97 -21.15 -20.34
CA TYR A 46 -16.44 -19.93 -21.01
C TYR A 46 -17.90 -19.53 -20.70
N LYS A 47 -18.59 -20.32 -19.91
CA LYS A 47 -20.02 -20.08 -19.67
C LYS A 47 -20.34 -18.69 -19.11
N LEU A 48 -19.73 -18.35 -17.99
CA LEU A 48 -19.93 -17.03 -17.39
C LEU A 48 -19.82 -15.91 -18.42
N ALA A 49 -18.74 -15.91 -19.20
CA ALA A 49 -18.52 -14.86 -20.20
C ALA A 49 -19.62 -14.85 -21.25
N GLU A 50 -20.00 -16.03 -21.72
CA GLU A 50 -21.06 -16.16 -22.71
C GLU A 50 -22.31 -15.50 -22.20
N GLU A 51 -22.73 -15.88 -20.99
CA GLU A 51 -23.91 -15.28 -20.38
C GLU A 51 -23.82 -13.76 -20.35
N THR A 52 -22.83 -13.22 -19.64
CA THR A 52 -22.74 -11.78 -19.50
C THR A 52 -22.65 -11.03 -20.84
N ALA A 53 -22.09 -11.67 -21.86
CA ALA A 53 -22.14 -11.10 -23.21
C ALA A 53 -23.58 -10.98 -23.73
N LYS A 54 -24.39 -12.00 -23.48
CA LYS A 54 -25.81 -11.93 -23.81
C LYS A 54 -26.44 -10.73 -23.10
N ILE A 55 -26.12 -10.59 -21.82
CA ILE A 55 -26.61 -9.46 -21.05
C ILE A 55 -26.10 -8.13 -21.62
N LEU A 56 -24.80 -8.03 -21.83
CA LEU A 56 -24.20 -6.82 -22.40
C LEU A 56 -24.81 -6.45 -23.76
N GLY A 57 -25.44 -7.42 -24.41
CA GLY A 57 -26.00 -7.22 -25.74
C GLY A 57 -24.97 -7.32 -26.86
N PHE A 58 -23.92 -8.10 -26.63
CA PHE A 58 -22.78 -8.17 -27.54
C PHE A 58 -22.59 -9.55 -28.16
N LYS A 59 -22.11 -9.56 -29.40
CA LYS A 59 -21.75 -10.83 -30.07
C LYS A 59 -20.57 -11.51 -29.41
N HIS A 60 -20.77 -12.78 -29.06
CA HIS A 60 -19.73 -13.54 -28.40
C HIS A 60 -19.41 -14.83 -29.14
N LYS A 61 -18.14 -15.20 -29.13
CA LYS A 61 -17.66 -16.41 -29.77
C LYS A 61 -16.66 -17.08 -28.84
N VAL A 62 -16.64 -18.40 -28.84
CA VAL A 62 -15.58 -19.10 -28.12
C VAL A 62 -14.63 -19.71 -29.14
N ILE A 63 -13.37 -19.30 -29.09
CA ILE A 63 -12.38 -19.95 -29.95
C ILE A 63 -11.55 -20.95 -29.14
N THR A 64 -11.45 -22.18 -29.67
CA THR A 64 -10.72 -23.26 -29.01
C THR A 64 -9.26 -23.32 -29.47
N LEU A 65 -8.34 -23.40 -28.51
CA LEU A 65 -6.92 -23.45 -28.84
C LEU A 65 -6.28 -24.78 -28.42
N ASP A 66 -5.02 -24.97 -28.80
CA ASP A 66 -4.32 -26.22 -28.53
C ASP A 66 -4.07 -26.39 -27.02
N ARG A 67 -4.65 -27.43 -26.45
CA ARG A 67 -4.45 -27.73 -25.03
C ARG A 67 -2.98 -27.67 -24.61
N LYS A 68 -2.11 -27.98 -25.55
CA LYS A 68 -0.68 -28.00 -25.34
C LYS A 68 -0.19 -26.68 -24.75
N ILE A 69 -0.89 -25.60 -25.07
CA ILE A 69 -0.53 -24.29 -24.58
C ILE A 69 -0.70 -24.18 -23.07
N VAL A 70 -1.81 -24.71 -22.56
CA VAL A 70 -2.08 -24.68 -21.10
C VAL A 70 -1.38 -25.82 -20.37
N GLU A 71 -0.98 -26.84 -21.12
CA GLU A 71 -0.21 -27.93 -20.54
C GLU A 71 1.15 -27.34 -20.19
N LYS A 72 1.71 -26.58 -21.12
CA LYS A 72 2.98 -25.93 -20.89
C LYS A 72 2.85 -24.89 -19.77
N ALA A 73 1.69 -24.23 -19.71
CA ALA A 73 1.43 -23.25 -18.66
C ALA A 73 1.47 -23.92 -17.29
N ALA A 74 0.74 -25.02 -17.18
CA ALA A 74 0.80 -25.85 -15.99
C ALA A 74 2.24 -26.16 -15.59
N ASP A 75 3.07 -26.51 -16.56
CA ASP A 75 4.48 -26.79 -16.30
C ASP A 75 5.12 -25.58 -15.65
N MSE A 76 4.84 -24.41 -16.22
CA MSE A 76 5.48 -23.18 -15.76
C MSE A 76 5.08 -22.79 -14.34
O MSE A 76 5.90 -22.28 -13.57
CB MSE A 76 5.23 -22.04 -16.77
CG MSE A 76 5.85 -22.38 -18.11
SE MSE A 76 5.44 -21.23 -19.61
CE MSE A 76 6.51 -19.69 -19.11
N ILE A 77 3.82 -23.07 -14.01
CA ILE A 77 3.33 -22.93 -12.64
C ILE A 77 4.16 -23.81 -11.69
N ILE A 78 4.24 -25.09 -12.03
CA ILE A 78 4.99 -26.06 -11.25
C ILE A 78 6.48 -25.72 -11.17
N GLU A 79 6.99 -25.12 -12.23
CA GLU A 79 8.38 -24.67 -12.30
C GLU A 79 8.66 -23.41 -11.46
N HIS A 80 7.71 -22.50 -11.40
CA HIS A 80 7.98 -21.17 -10.83
C HIS A 80 7.24 -20.85 -9.56
N LYS A 81 6.22 -21.64 -9.25
CA LYS A 81 5.32 -21.34 -8.15
C LYS A 81 4.49 -20.08 -8.45
N TYR A 82 5.15 -18.97 -8.77
CA TYR A 82 4.43 -17.75 -9.17
C TYR A 82 3.81 -17.94 -10.54
N PRO A 83 2.55 -17.49 -10.72
CA PRO A 83 1.93 -17.81 -12.01
C PRO A 83 2.22 -16.82 -13.11
N GLY A 84 2.81 -15.66 -12.79
CA GLY A 84 3.13 -14.64 -13.78
C GLY A 84 3.66 -15.15 -15.12
N PRO A 85 4.82 -15.82 -15.09
CA PRO A 85 5.44 -16.39 -16.29
C PRO A 85 4.48 -17.25 -17.11
N ALA A 86 3.74 -18.13 -16.45
CA ALA A 86 2.83 -19.01 -17.17
C ALA A 86 1.74 -18.19 -17.85
N ILE A 87 1.21 -17.23 -17.10
CA ILE A 87 0.13 -16.44 -17.63
C ILE A 87 0.63 -15.54 -18.74
N GLN A 88 1.84 -14.99 -18.59
CA GLN A 88 2.42 -14.14 -19.64
C GLN A 88 2.54 -14.98 -20.89
N TYR A 89 3.05 -16.20 -20.73
CA TYR A 89 3.15 -17.10 -21.86
C TYR A 89 1.80 -17.32 -22.55
N VAL A 90 0.76 -17.62 -21.79
CA VAL A 90 -0.47 -17.99 -22.47
C VAL A 90 -1.00 -16.79 -23.24
N HIS A 91 -1.07 -15.66 -22.55
CA HIS A 91 -1.66 -14.48 -23.13
C HIS A 91 -0.96 -14.05 -24.41
N LYS A 92 0.35 -14.00 -24.35
CA LYS A 92 1.16 -13.63 -25.50
C LYS A 92 0.94 -14.54 -26.67
N THR A 93 1.03 -15.84 -26.41
CA THR A 93 0.87 -16.85 -27.44
C THR A 93 -0.50 -16.66 -28.06
N VAL A 94 -1.49 -16.47 -27.22
CA VAL A 94 -2.84 -16.26 -27.71
C VAL A 94 -2.96 -15.04 -28.65
N LEU A 95 -2.44 -13.90 -28.24
CA LEU A 95 -2.43 -12.72 -29.09
C LEU A 95 -1.74 -13.00 -30.40
N GLU A 96 -0.55 -13.61 -30.33
CA GLU A 96 0.17 -13.96 -31.54
C GLU A 96 -0.70 -14.80 -32.46
N ILE A 97 -1.53 -15.65 -31.86
CA ILE A 97 -2.38 -16.52 -32.68
C ILE A 97 -3.51 -15.74 -33.34
N LEU A 98 -4.23 -14.96 -32.55
CA LEU A 98 -5.39 -14.24 -33.03
C LEU A 98 -4.97 -13.22 -34.06
N ALA A 99 -3.75 -12.69 -33.89
CA ALA A 99 -3.21 -11.65 -34.76
C ALA A 99 -2.95 -12.19 -36.15
N ASP A 100 -2.99 -13.50 -36.30
CA ASP A 100 -2.85 -14.10 -37.61
C ASP A 100 -4.20 -14.19 -38.31
N GLU A 101 -5.28 -13.91 -37.57
CA GLU A 101 -6.63 -13.88 -38.14
C GLU A 101 -7.27 -12.47 -38.11
N TYR A 102 -7.08 -11.75 -37.01
CA TYR A 102 -7.78 -10.47 -36.82
C TYR A 102 -6.86 -9.26 -36.82
N SER A 103 -7.36 -8.17 -37.38
CA SER A 103 -6.55 -6.96 -37.56
C SER A 103 -6.64 -5.99 -36.37
N ILE A 104 -7.77 -6.04 -35.69
CA ILE A 104 -7.97 -5.19 -34.52
C ILE A 104 -8.33 -6.02 -33.28
N LEU A 105 -7.41 -6.05 -32.33
CA LEU A 105 -7.54 -6.83 -31.11
C LEU A 105 -7.56 -5.93 -29.89
N ALA A 106 -8.32 -6.34 -28.89
CA ALA A 106 -8.39 -5.64 -27.61
C ALA A 106 -8.56 -6.64 -26.48
N ASP A 107 -8.15 -6.25 -25.28
CA ASP A 107 -8.44 -7.05 -24.09
C ASP A 107 -8.63 -6.11 -22.89
N GLY A 108 -8.80 -6.68 -21.71
CA GLY A 108 -9.09 -5.91 -20.52
C GLY A 108 -7.92 -5.66 -19.57
N THR A 109 -6.70 -5.62 -20.09
CA THR A 109 -5.56 -5.27 -19.27
C THR A 109 -5.72 -3.89 -18.61
N ARG A 110 -5.63 -3.84 -17.28
CA ARG A 110 -5.84 -2.62 -16.52
C ARG A 110 -4.54 -2.01 -16.08
N ARG A 111 -4.56 -0.69 -15.88
CA ARG A 111 -3.39 0.02 -15.37
C ARG A 111 -2.73 -0.74 -14.22
N ASP A 112 -3.54 -1.12 -13.23
CA ASP A 112 -3.01 -1.70 -11.99
C ASP A 112 -2.57 -3.15 -12.14
N ASP A 113 -2.91 -3.76 -13.28
CA ASP A 113 -2.52 -5.13 -13.56
C ASP A 113 -1.02 -5.32 -13.76
N ARG A 114 -0.51 -6.45 -13.28
CA ARG A 114 0.89 -6.81 -13.48
C ARG A 114 1.04 -7.88 -14.58
N VAL A 115 0.09 -8.82 -14.61
CA VAL A 115 0.00 -9.82 -15.67
C VAL A 115 -1.46 -10.23 -15.84
N PRO A 116 -1.90 -10.43 -17.09
CA PRO A 116 -1.06 -10.27 -18.28
C PRO A 116 -0.79 -8.81 -18.54
N LYS A 117 0.35 -8.55 -19.17
CA LYS A 117 0.70 -7.20 -19.57
C LYS A 117 1.89 -7.20 -20.53
N LEU A 118 1.64 -6.92 -21.80
CA LEU A 118 2.72 -6.71 -22.75
C LEU A 118 3.50 -5.45 -22.36
N SER A 119 4.78 -5.45 -22.68
CA SER A 119 5.62 -4.29 -22.45
C SER A 119 5.47 -3.41 -23.67
N TYR A 120 6.12 -2.26 -23.65
CA TYR A 120 5.98 -1.31 -24.75
C TYR A 120 6.57 -1.88 -26.02
N SER A 121 7.82 -2.32 -25.95
CA SER A 121 8.46 -2.88 -27.12
C SER A 121 7.65 -4.05 -27.64
N GLU A 122 7.09 -4.84 -26.72
CA GLU A 122 6.27 -5.98 -27.07
C GLU A 122 5.04 -5.61 -27.88
N ILE A 123 4.32 -4.59 -27.46
CA ILE A 123 3.18 -4.11 -28.20
C ILE A 123 3.57 -3.64 -29.60
N GLN A 124 4.66 -2.87 -29.66
CA GLN A 124 5.11 -2.28 -30.89
C GLN A 124 5.40 -3.39 -31.86
N SER A 125 6.22 -4.32 -31.40
CA SER A 125 6.64 -5.46 -32.19
C SER A 125 5.42 -6.16 -32.81
N LEU A 126 4.44 -6.49 -31.96
CA LEU A 126 3.25 -7.18 -32.42
C LEU A 126 2.55 -6.42 -33.54
N GLU A 127 2.30 -5.13 -33.31
CA GLU A 127 1.57 -4.34 -34.29
C GLU A 127 2.34 -4.21 -35.60
N MSE A 128 3.66 -4.26 -35.50
CA MSE A 128 4.50 -3.99 -36.64
C MSE A 128 4.66 -5.28 -37.41
O MSE A 128 4.50 -5.30 -38.62
CB MSE A 128 5.87 -3.48 -36.16
CG MSE A 128 6.65 -2.70 -37.21
SE MSE A 128 7.79 -1.35 -36.35
CE MSE A 128 8.73 -2.50 -35.08
N ARG A 129 4.96 -6.36 -36.73
CA ARG A 129 5.16 -7.63 -37.39
C ARG A 129 3.91 -8.15 -38.12
N LYS A 130 2.74 -8.02 -37.51
CA LYS A 130 1.53 -8.64 -38.07
C LYS A 130 0.47 -7.64 -38.54
N ASN A 131 0.85 -6.37 -38.55
CA ASN A 131 0.01 -5.32 -39.11
C ASN A 131 -1.39 -5.32 -38.52
N ILE A 132 -1.43 -5.15 -37.21
CA ILE A 132 -2.69 -5.13 -36.47
C ILE A 132 -2.69 -3.95 -35.50
N GLN A 133 -3.83 -3.74 -34.85
CA GLN A 133 -3.91 -2.79 -33.74
C GLN A 133 -4.25 -3.50 -32.44
N TYR A 134 -3.39 -3.33 -31.44
CA TYR A 134 -3.63 -3.89 -30.11
C TYR A 134 -4.10 -2.76 -29.21
N ILE A 135 -5.28 -2.93 -28.62
CA ILE A 135 -5.98 -1.85 -27.92
C ILE A 135 -6.30 -2.24 -26.48
N THR A 136 -5.90 -1.42 -25.52
CA THR A 136 -6.15 -1.75 -24.11
C THR A 136 -6.86 -0.59 -23.43
N PRO A 137 -8.20 -0.59 -23.51
CA PRO A 137 -8.92 0.64 -23.13
C PRO A 137 -8.76 0.98 -21.66
N LEU A 138 -8.54 -0.04 -20.82
CA LEU A 138 -8.48 0.17 -19.38
C LEU A 138 -7.08 0.57 -18.91
N MSE A 139 -6.14 0.61 -19.84
CA MSE A 139 -4.76 0.88 -19.50
C MSE A 139 -4.62 2.18 -18.71
O MSE A 139 -3.83 2.26 -17.76
CB MSE A 139 -3.87 0.87 -20.75
CG MSE A 139 -2.39 0.72 -20.44
SE MSE A 139 -1.91 -0.88 -19.36
CE MSE A 139 -1.09 0.05 -17.86
N GLY A 140 -5.39 3.18 -19.07
CA GLY A 140 -5.29 4.47 -18.42
C GLY A 140 -6.15 4.65 -17.18
N PHE A 141 -6.78 3.56 -16.74
CA PHE A 141 -7.80 3.65 -15.69
C PHE A 141 -7.44 2.90 -14.42
N GLY A 142 -7.19 3.65 -13.34
CA GLY A 142 -6.89 3.05 -12.07
C GLY A 142 -8.08 2.35 -11.40
N TYR A 143 -7.75 1.61 -10.35
CA TYR A 143 -8.72 0.86 -9.57
C TYR A 143 -9.93 1.68 -9.14
N LYS A 144 -9.69 2.86 -8.56
CA LYS A 144 -10.77 3.72 -8.08
C LYS A 144 -11.75 4.14 -9.19
N THR A 145 -11.20 4.41 -10.37
CA THR A 145 -11.97 4.89 -11.49
C THR A 145 -12.78 3.76 -12.08
N LEU A 146 -12.13 2.63 -12.31
CA LEU A 146 -12.81 1.42 -12.71
C LEU A 146 -13.95 1.14 -11.73
N ARG A 147 -13.66 1.27 -10.45
CA ARG A 147 -14.67 0.96 -9.49
C ARG A 147 -15.85 1.93 -9.68
N HIS A 148 -15.55 3.22 -9.81
CA HIS A 148 -16.63 4.16 -10.06
C HIS A 148 -17.46 3.84 -11.33
N LEU A 149 -16.79 3.40 -12.39
CA LEU A 149 -17.41 3.24 -13.69
C LEU A 149 -18.27 1.98 -13.81
N ALA A 150 -17.84 0.92 -13.13
CA ALA A 150 -18.57 -0.35 -13.08
C ALA A 150 -19.88 -0.17 -12.38
N SER A 151 -19.87 0.69 -11.35
CA SER A 151 -21.04 0.88 -10.53
C SER A 151 -22.02 1.85 -11.18
N GLU A 152 -21.55 2.56 -12.19
CA GLU A 152 -22.44 3.43 -12.95
C GLU A 152 -23.07 2.68 -14.12
N PHE A 153 -22.32 1.73 -14.67
CA PHE A 153 -22.77 1.03 -15.87
C PHE A 153 -23.52 -0.28 -15.60
N PHE A 154 -23.10 -1.00 -14.58
CA PHE A 154 -23.64 -2.33 -14.35
C PHE A 154 -24.35 -2.48 -13.01
N ILE A 155 -25.37 -3.32 -13.01
CA ILE A 155 -25.91 -3.89 -11.78
C ILE A 155 -25.02 -5.09 -11.50
N LEU A 156 -24.46 -5.12 -10.29
CA LEU A 156 -23.44 -6.09 -9.93
C LEU A 156 -23.89 -6.94 -8.75
N GLU A 157 -23.21 -8.06 -8.53
CA GLU A 157 -23.64 -9.00 -7.51
C GLU A 157 -22.50 -9.91 -7.05
N GLU A 158 -22.50 -10.25 -5.77
CA GLU A 158 -21.47 -11.10 -5.22
C GLU A 158 -21.77 -12.55 -5.54
N ILE A 159 -20.93 -13.18 -6.36
CA ILE A 159 -21.08 -14.60 -6.63
C ILE A 159 -20.12 -15.42 -5.76
N LYS A 160 -20.68 -16.41 -5.06
CA LYS A 160 -19.89 -17.32 -4.23
C LYS A 160 -20.77 -18.37 -3.54
N SER A 167 -13.49 -17.99 -16.35
CA SER A 167 -13.67 -17.65 -17.76
C SER A 167 -12.41 -17.07 -18.42
N ASP A 168 -11.36 -16.85 -17.62
CA ASP A 168 -10.01 -16.70 -18.16
C ASP A 168 -9.22 -17.98 -17.91
N TYR A 169 -7.95 -17.98 -18.32
CA TYR A 169 -7.18 -19.20 -18.47
C TYR A 169 -7.07 -20.01 -17.21
N GLU A 170 -7.33 -19.37 -16.09
CA GLU A 170 -7.04 -19.94 -14.79
C GLU A 170 -7.80 -21.24 -14.47
N ALA A 171 -9.09 -21.27 -14.77
CA ALA A 171 -9.90 -22.46 -14.49
C ALA A 171 -9.35 -23.73 -15.16
N GLU A 172 -9.17 -23.68 -16.48
CA GLU A 172 -8.59 -24.80 -17.23
C GLU A 172 -7.17 -25.16 -16.75
N ILE A 173 -6.32 -24.16 -16.53
CA ILE A 173 -4.98 -24.43 -16.03
C ILE A 173 -5.06 -25.16 -14.70
N ARG A 174 -5.86 -24.62 -13.78
CA ARG A 174 -5.99 -25.26 -12.47
C ARG A 174 -6.51 -26.68 -12.66
N HIS A 175 -7.40 -26.86 -13.62
CA HIS A 175 -7.97 -28.18 -13.79
C HIS A 175 -6.88 -29.18 -14.15
N ILE A 176 -6.04 -28.79 -15.10
CA ILE A 176 -4.89 -29.61 -15.48
C ILE A 176 -4.04 -29.96 -14.26
N LEU A 177 -3.83 -28.98 -13.37
CA LEU A 177 -3.07 -29.21 -12.16
C LEU A 177 -3.69 -30.31 -11.30
N LYS A 178 -4.99 -30.23 -11.07
CA LYS A 178 -5.69 -31.25 -10.30
C LYS A 178 -5.39 -32.61 -10.92
N GLU A 179 -5.55 -32.73 -12.23
CA GLU A 179 -5.28 -33.98 -12.92
C GLU A 179 -3.85 -34.50 -12.65
N ARG A 180 -2.90 -33.60 -12.49
CA ARG A 180 -1.51 -33.99 -12.31
C ARG A 180 -1.22 -34.42 -10.87
N GLY A 181 -2.09 -34.00 -9.95
CA GLY A 181 -1.91 -34.33 -8.55
C GLY A 181 -1.55 -33.10 -7.76
N GLU A 182 -1.55 -31.95 -8.43
CA GLU A 182 -1.18 -30.71 -7.79
C GLU A 182 -2.41 -29.99 -7.28
N SER A 183 -2.30 -29.37 -6.11
CA SER A 183 -3.34 -28.48 -5.62
C SER A 183 -3.12 -27.11 -6.23
N PRO A 184 -4.13 -26.61 -6.96
CA PRO A 184 -4.08 -25.29 -7.60
C PRO A 184 -4.10 -24.17 -6.57
N GLU A 185 -4.72 -24.42 -5.43
CA GLU A 185 -4.83 -23.42 -4.37
C GLU A 185 -3.45 -22.92 -3.98
N LYS A 186 -2.49 -23.85 -4.00
CA LYS A 186 -1.09 -23.54 -3.68
C LYS A 186 -0.53 -22.47 -4.62
N TYR A 187 -0.97 -22.49 -5.88
CA TYR A 187 -0.39 -21.63 -6.89
C TYR A 187 -1.23 -20.39 -7.20
N PHE A 188 -2.51 -20.43 -6.88
CA PHE A 188 -3.35 -19.25 -7.04
C PHE A 188 -3.91 -18.80 -5.69
N PRO A 189 -4.16 -17.49 -5.54
CA PRO A 189 -4.73 -16.86 -4.34
C PRO A 189 -6.11 -17.41 -3.95
N GLU A 190 -6.89 -16.64 -3.20
CA GLU A 190 -8.19 -17.11 -2.73
C GLU A 190 -9.20 -17.25 -3.87
N LYS A 192 -12.72 -14.58 -5.28
CA LYS A 192 -13.15 -13.19 -5.15
C LYS A 192 -13.83 -12.73 -6.44
N GLN A 193 -15.00 -13.30 -6.73
CA GLN A 193 -15.67 -13.05 -8.01
C GLN A 193 -16.98 -12.24 -7.88
N THR A 194 -17.09 -11.20 -8.71
CA THR A 194 -18.32 -10.43 -8.79
C THR A 194 -18.94 -10.59 -10.17
N ARG A 195 -20.27 -10.65 -10.22
CA ARG A 195 -20.96 -10.90 -11.47
C ARG A 195 -21.72 -9.68 -11.98
N VAL A 196 -21.54 -9.36 -13.25
CA VAL A 196 -22.40 -8.36 -13.88
C VAL A 196 -23.73 -9.01 -14.14
N VAL A 197 -24.80 -8.34 -13.74
CA VAL A 197 -26.12 -8.96 -13.79
C VAL A 197 -27.08 -8.20 -14.69
N GLY A 198 -26.76 -6.93 -14.96
CA GLY A 198 -27.54 -6.12 -15.88
C GLY A 198 -26.98 -4.73 -16.10
N LEU A 199 -27.62 -3.98 -16.99
CA LEU A 199 -27.24 -2.59 -17.27
C LEU A 199 -28.10 -1.62 -16.47
N LYS A 200 -27.48 -0.57 -15.94
CA LYS A 200 -28.27 0.53 -15.36
C LYS A 200 -28.58 1.50 -16.47
N LYS A 201 -27.53 1.82 -17.23
CA LYS A 201 -27.63 2.72 -18.36
C LYS A 201 -27.69 1.88 -19.61
N GLU A 202 -27.83 2.55 -20.76
CA GLU A 202 -27.63 1.85 -22.02
C GLU A 202 -26.27 2.22 -22.58
N ILE A 203 -25.60 1.23 -23.14
CA ILE A 203 -24.33 1.41 -23.82
C ILE A 203 -24.51 2.30 -25.05
N LEU B 6 -23.54 13.51 -11.08
CA LEU B 6 -22.64 13.39 -12.22
C LEU B 6 -21.24 13.89 -11.89
N MSE B 7 -20.25 13.06 -12.19
CA MSE B 7 -18.90 13.25 -11.67
C MSE B 7 -18.05 14.18 -12.54
O MSE B 7 -17.82 13.93 -13.71
CB MSE B 7 -18.24 11.87 -11.55
CG MSE B 7 -16.89 11.85 -10.88
SE MSE B 7 -17.05 11.73 -8.96
CE MSE B 7 -18.48 10.40 -8.82
N ASP B 8 -17.59 15.29 -11.95
CA ASP B 8 -16.68 16.18 -12.67
C ASP B 8 -15.30 15.56 -12.87
N VAL B 9 -14.61 16.00 -13.91
CA VAL B 9 -13.19 15.71 -14.07
C VAL B 9 -12.50 16.85 -14.79
N HIS B 10 -11.30 17.17 -14.36
CA HIS B 10 -10.61 18.32 -14.91
C HIS B 10 -9.50 17.86 -15.84
N VAL B 11 -9.63 18.26 -17.10
CA VAL B 11 -8.81 17.72 -18.18
C VAL B 11 -7.83 18.75 -18.72
N LEU B 12 -6.55 18.54 -18.46
CA LEU B 12 -5.54 19.33 -19.14
C LEU B 12 -5.79 19.20 -20.62
N PHE B 13 -5.81 20.32 -21.31
CA PHE B 13 -6.33 20.34 -22.66
C PHE B 13 -5.54 21.32 -23.52
N SER B 14 -5.05 20.85 -24.67
CA SER B 14 -4.20 21.65 -25.55
C SER B 14 -4.94 22.06 -26.81
N GLY B 15 -6.03 21.35 -27.11
CA GLY B 15 -6.80 21.65 -28.30
C GLY B 15 -6.45 20.77 -29.49
N GLY B 16 -5.38 19.97 -29.39
CA GLY B 16 -5.08 19.01 -30.46
C GLY B 16 -6.12 17.90 -30.56
N LYS B 17 -6.12 17.16 -31.66
CA LYS B 17 -7.15 16.14 -31.88
C LYS B 17 -7.09 15.01 -30.84
N ASP B 18 -5.90 14.66 -30.39
CA ASP B 18 -5.79 13.68 -29.32
C ASP B 18 -6.40 14.17 -28.02
N SER B 19 -5.87 15.27 -27.50
CA SER B 19 -6.42 15.91 -26.33
C SER B 19 -7.95 15.95 -26.40
N SER B 20 -8.46 16.27 -27.59
CA SER B 20 -9.90 16.34 -27.81
C SER B 20 -10.54 14.97 -27.67
N LEU B 21 -9.89 13.94 -28.19
CA LEU B 21 -10.34 12.57 -28.00
C LEU B 21 -10.43 12.23 -26.52
N SER B 22 -9.47 12.71 -25.72
CA SER B 22 -9.55 12.39 -24.29
C SER B 22 -10.83 12.99 -23.69
N ALA B 23 -11.09 14.26 -24.01
CA ALA B 23 -12.30 14.94 -23.57
C ALA B 23 -13.51 14.08 -23.91
N VAL B 24 -13.66 13.82 -25.22
CA VAL B 24 -14.76 13.07 -25.78
C VAL B 24 -14.95 11.72 -25.10
N ILE B 25 -13.87 11.03 -24.85
CA ILE B 25 -13.99 9.76 -24.18
C ILE B 25 -14.53 9.93 -22.77
N LEU B 26 -13.95 10.85 -22.00
CA LEU B 26 -14.41 11.10 -20.64
C LEU B 26 -15.92 11.34 -20.68
N LYS B 27 -16.36 12.18 -21.63
CA LYS B 27 -17.77 12.49 -21.76
C LYS B 27 -18.61 11.25 -22.10
N LYS B 28 -18.06 10.38 -22.94
CA LYS B 28 -18.73 9.12 -23.27
C LYS B 28 -18.96 8.30 -22.02
N LEU B 29 -18.01 8.34 -21.09
CA LEU B 29 -18.09 7.53 -19.87
C LEU B 29 -18.99 8.13 -18.78
N GLY B 30 -19.60 9.27 -19.06
CA GLY B 30 -20.50 9.87 -18.10
C GLY B 30 -19.93 10.97 -17.23
N TYR B 31 -18.71 11.41 -17.51
CA TYR B 31 -18.11 12.48 -16.71
C TYR B 31 -18.46 13.84 -17.26
N ASN B 32 -18.54 14.82 -16.38
CA ASN B 32 -18.58 16.20 -16.84
C ASN B 32 -17.17 16.78 -16.93
N PRO B 33 -16.64 16.87 -18.16
CA PRO B 33 -15.26 17.31 -18.37
C PRO B 33 -15.11 18.83 -18.30
N HIS B 34 -14.22 19.28 -17.43
CA HIS B 34 -13.85 20.69 -17.39
C HIS B 34 -12.47 20.82 -17.99
N LEU B 35 -12.43 21.22 -19.25
CA LEU B 35 -11.17 21.42 -19.96
C LEU B 35 -10.41 22.58 -19.34
N ILE B 36 -9.14 22.34 -19.06
CA ILE B 36 -8.26 23.39 -18.57
C ILE B 36 -6.90 23.43 -19.33
N THR B 37 -6.46 24.65 -19.59
CA THR B 37 -5.21 24.91 -20.28
C THR B 37 -4.33 25.80 -19.41
N ILE B 38 -3.14 25.32 -19.09
CA ILE B 38 -2.19 26.10 -18.34
C ILE B 38 -1.71 27.31 -19.14
N ASN B 39 -1.57 28.44 -18.44
CA ASN B 39 -0.85 29.61 -18.95
C ASN B 39 0.19 30.11 -17.94
N PHE B 40 1.33 30.58 -18.43
CA PHE B 40 2.40 30.99 -17.52
C PHE B 40 2.66 32.49 -17.58
N GLY B 41 1.74 33.23 -18.21
CA GLY B 41 1.84 34.68 -18.31
C GLY B 41 2.83 35.22 -19.33
N VAL B 42 3.46 34.33 -20.09
CA VAL B 42 4.38 34.71 -21.14
C VAL B 42 3.61 35.24 -22.36
N ILE B 43 2.89 34.35 -23.04
CA ILE B 43 2.01 34.73 -24.15
C ILE B 43 0.67 33.98 -24.13
N PRO B 44 -0.36 34.55 -24.78
CA PRO B 44 -1.70 33.95 -24.77
C PRO B 44 -1.84 32.73 -25.68
N SER B 45 -0.91 31.79 -25.58
CA SER B 45 -0.90 30.63 -26.45
C SER B 45 -2.12 29.70 -26.26
N TYR B 46 -3.00 30.03 -25.32
CA TYR B 46 -4.16 29.18 -25.06
C TYR B 46 -5.33 29.43 -26.00
N LYS B 47 -5.21 30.42 -26.85
CA LYS B 47 -6.34 30.78 -27.70
C LYS B 47 -6.91 29.59 -28.48
N LEU B 48 -6.03 28.75 -29.02
CA LEU B 48 -6.47 27.59 -29.82
C LEU B 48 -7.38 26.64 -29.01
N ALA B 49 -6.90 26.25 -27.84
CA ALA B 49 -7.63 25.34 -26.99
C ALA B 49 -9.04 25.88 -26.69
N GLU B 50 -9.13 27.20 -26.54
CA GLU B 50 -10.41 27.86 -26.26
C GLU B 50 -11.43 27.63 -27.36
N GLU B 51 -11.06 28.03 -28.57
CA GLU B 51 -11.90 27.84 -29.73
C GLU B 51 -12.34 26.38 -29.85
N THR B 52 -11.41 25.45 -29.62
CA THR B 52 -11.72 24.04 -29.76
C THR B 52 -12.73 23.53 -28.74
N ALA B 53 -12.64 24.01 -27.51
CA ALA B 53 -13.60 23.65 -26.47
C ALA B 53 -14.99 24.13 -26.85
N LYS B 54 -15.07 25.34 -27.38
CA LYS B 54 -16.34 25.85 -27.89
C LYS B 54 -16.93 24.89 -28.92
N ILE B 55 -16.13 24.52 -29.92
CA ILE B 55 -16.52 23.57 -30.96
C ILE B 55 -16.96 22.20 -30.41
N LEU B 56 -16.22 21.69 -29.44
CA LEU B 56 -16.58 20.46 -28.73
C LEU B 56 -17.78 20.65 -27.79
N GLY B 57 -18.11 21.90 -27.47
CA GLY B 57 -19.13 22.17 -26.49
C GLY B 57 -18.76 21.88 -25.04
N PHE B 58 -17.49 22.02 -24.69
CA PHE B 58 -17.07 21.77 -23.31
C PHE B 58 -16.70 23.04 -22.58
N LYS B 59 -16.99 23.06 -21.28
CA LYS B 59 -16.59 24.18 -20.44
C LYS B 59 -15.06 24.34 -20.45
N HIS B 60 -14.57 25.57 -20.56
CA HIS B 60 -13.12 25.76 -20.61
C HIS B 60 -12.66 26.87 -19.68
N LYS B 61 -11.47 26.69 -19.14
CA LYS B 61 -10.88 27.60 -18.18
C LYS B 61 -9.37 27.65 -18.43
N VAL B 62 -8.77 28.82 -18.29
CA VAL B 62 -7.32 28.87 -18.28
C VAL B 62 -6.79 29.15 -16.88
N ILE B 63 -5.81 28.35 -16.48
CA ILE B 63 -5.19 28.46 -15.18
C ILE B 63 -3.79 29.04 -15.33
N THR B 64 -3.55 30.14 -14.63
CA THR B 64 -2.26 30.82 -14.73
C THR B 64 -1.30 30.34 -13.65
N LEU B 65 -0.13 29.88 -14.07
CA LEU B 65 0.88 29.38 -13.13
C LEU B 65 2.12 30.27 -13.16
N ASP B 66 2.99 30.11 -12.16
CA ASP B 66 4.20 30.92 -12.06
C ASP B 66 5.12 30.72 -13.28
N ARG B 67 5.57 31.83 -13.85
CA ARG B 67 6.41 31.83 -15.05
C ARG B 67 7.77 31.14 -14.85
N LYS B 68 8.14 30.91 -13.60
CA LYS B 68 9.43 30.30 -13.29
C LYS B 68 9.46 28.84 -13.71
N ILE B 69 8.27 28.24 -13.81
CA ILE B 69 8.18 26.85 -14.23
C ILE B 69 8.72 26.72 -15.64
N VAL B 70 8.31 27.64 -16.52
CA VAL B 70 8.80 27.62 -17.91
C VAL B 70 10.20 28.19 -18.04
N GLU B 71 10.56 29.14 -17.19
CA GLU B 71 11.91 29.67 -17.17
C GLU B 71 12.90 28.51 -17.02
N LYS B 72 12.56 27.59 -16.13
CA LYS B 72 13.40 26.43 -15.87
C LYS B 72 13.35 25.42 -17.03
N ALA B 73 12.17 25.27 -17.64
CA ALA B 73 12.05 24.40 -18.81
C ALA B 73 12.96 24.94 -19.90
N ALA B 74 13.03 26.26 -19.99
CA ALA B 74 13.93 26.91 -20.94
C ALA B 74 15.39 26.55 -20.60
N ASP B 75 15.77 26.67 -19.34
CA ASP B 75 17.13 26.32 -18.94
C ASP B 75 17.41 24.88 -19.36
N MSE B 76 16.48 24.00 -19.05
CA MSE B 76 16.66 22.58 -19.36
C MSE B 76 16.76 22.26 -20.86
O MSE B 76 17.55 21.42 -21.28
CB MSE B 76 15.53 21.77 -18.72
CG MSE B 76 15.48 21.93 -17.24
SE MSE B 76 13.94 20.99 -16.46
CE MSE B 76 14.43 19.22 -17.07
N ILE B 77 15.93 22.93 -21.66
CA ILE B 77 16.05 22.81 -23.11
C ILE B 77 17.45 23.23 -23.54
N ILE B 78 17.92 24.38 -23.05
CA ILE B 78 19.23 24.89 -23.45
C ILE B 78 20.36 23.86 -23.27
N GLU B 79 20.16 22.88 -22.40
CA GLU B 79 21.26 21.96 -22.11
C GLU B 79 20.99 20.54 -22.54
N HIS B 80 19.71 20.16 -22.60
CA HIS B 80 19.38 18.87 -23.14
C HIS B 80 19.24 18.95 -24.65
N LYS B 81 18.90 20.15 -25.12
CA LYS B 81 18.69 20.43 -26.54
C LYS B 81 17.47 19.73 -27.15
N TYR B 82 17.14 18.54 -26.69
CA TYR B 82 15.83 17.99 -27.00
C TYR B 82 14.91 18.25 -25.83
N PRO B 83 13.62 18.46 -26.13
CA PRO B 83 12.64 18.96 -25.15
C PRO B 83 12.12 17.94 -24.11
N GLY B 84 12.31 16.65 -24.32
CA GLY B 84 11.77 15.62 -23.42
C GLY B 84 11.85 15.93 -21.93
N PRO B 85 13.07 16.01 -21.39
CA PRO B 85 13.23 16.27 -19.95
C PRO B 85 12.49 17.53 -19.51
N ALA B 86 12.53 18.56 -20.34
CA ALA B 86 11.84 19.81 -20.03
C ALA B 86 10.34 19.63 -19.98
N ILE B 87 9.79 18.91 -20.95
CA ILE B 87 8.37 18.68 -20.96
C ILE B 87 7.95 17.85 -19.76
N GLN B 88 8.69 16.78 -19.47
CA GLN B 88 8.42 15.98 -18.27
C GLN B 88 8.31 16.91 -17.07
N TYR B 89 9.37 17.68 -16.83
CA TYR B 89 9.44 18.51 -15.64
C TYR B 89 8.23 19.44 -15.50
N VAL B 90 7.84 20.10 -16.58
CA VAL B 90 6.72 21.03 -16.55
C VAL B 90 5.41 20.28 -16.22
N HIS B 91 5.11 19.25 -17.02
CA HIS B 91 3.86 18.51 -16.85
C HIS B 91 3.69 17.91 -15.45
N LYS B 92 4.76 17.30 -14.94
CA LYS B 92 4.80 16.83 -13.57
C LYS B 92 4.51 17.94 -12.58
N THR B 93 5.07 19.12 -12.83
CA THR B 93 4.92 20.23 -11.92
C THR B 93 3.49 20.73 -11.98
N VAL B 94 2.97 20.81 -13.19
CA VAL B 94 1.57 21.13 -13.34
C VAL B 94 0.66 20.13 -12.57
N LEU B 95 0.87 18.83 -12.76
CA LEU B 95 0.06 17.87 -12.02
C LEU B 95 0.08 18.02 -10.48
N GLU B 96 1.25 18.20 -9.88
CA GLU B 96 1.35 18.39 -8.42
C GLU B 96 0.52 19.57 -7.95
N ILE B 97 0.64 20.69 -8.67
CA ILE B 97 -0.10 21.90 -8.34
C ILE B 97 -1.60 21.69 -8.49
N LEU B 98 -2.01 21.15 -9.64
CA LEU B 98 -3.42 20.97 -9.92
C LEU B 98 -4.04 19.92 -9.01
N ALA B 99 -3.23 18.97 -8.56
CA ALA B 99 -3.73 17.93 -7.66
C ALA B 99 -4.13 18.43 -6.26
N ASP B 100 -3.79 19.67 -5.93
CA ASP B 100 -4.20 20.25 -4.65
C ASP B 100 -5.60 20.81 -4.77
N GLU B 101 -6.04 21.07 -6.01
CA GLU B 101 -7.33 21.72 -6.24
C GLU B 101 -8.43 20.82 -6.81
N TYR B 102 -8.07 19.81 -7.59
CA TYR B 102 -9.09 18.96 -8.21
C TYR B 102 -8.79 17.50 -7.94
N SER B 103 -9.76 16.79 -7.41
CA SER B 103 -9.52 15.42 -6.99
C SER B 103 -9.62 14.42 -8.14
N ILE B 104 -10.12 14.86 -9.31
CA ILE B 104 -10.12 14.00 -10.50
C ILE B 104 -9.47 14.67 -11.72
N LEU B 105 -8.23 14.31 -11.99
CA LEU B 105 -7.43 14.95 -13.00
C LEU B 105 -7.23 14.02 -14.17
N ALA B 106 -7.41 14.56 -15.37
CA ALA B 106 -7.19 13.81 -16.59
C ALA B 106 -6.28 14.61 -17.53
N ASP B 107 -5.56 13.90 -18.41
CA ASP B 107 -4.82 14.57 -19.46
C ASP B 107 -4.81 13.73 -20.74
N GLY B 108 -3.97 14.12 -21.70
CA GLY B 108 -4.01 13.54 -23.03
C GLY B 108 -2.80 12.70 -23.39
N THR B 109 -2.11 12.24 -22.35
CA THR B 109 -1.00 11.31 -22.49
C THR B 109 -1.42 9.99 -23.16
N ARG B 110 -0.55 9.45 -23.99
CA ARG B 110 -0.95 8.33 -24.83
C ARG B 110 0.16 7.30 -24.94
N ARG B 111 -0.22 6.08 -25.35
CA ARG B 111 0.70 4.96 -25.42
C ARG B 111 2.01 5.23 -26.17
N ASP B 112 1.95 5.90 -27.31
CA ASP B 112 3.12 5.98 -28.20
C ASP B 112 3.93 7.28 -28.08
N ASP B 113 3.58 8.13 -27.11
CA ASP B 113 4.36 9.32 -26.80
C ASP B 113 5.16 9.07 -25.53
N ARG B 114 6.48 9.04 -25.61
CA ARG B 114 7.31 8.81 -24.42
C ARG B 114 7.13 9.96 -23.42
N VAL B 115 6.82 11.14 -23.95
CA VAL B 115 6.87 12.37 -23.19
C VAL B 115 5.77 13.33 -23.63
N PRO B 116 4.99 13.86 -22.67
CA PRO B 116 5.16 13.56 -21.24
C PRO B 116 4.38 12.31 -20.84
N LYS B 117 4.83 11.67 -19.77
CA LYS B 117 4.21 10.48 -19.27
C LYS B 117 4.70 10.20 -17.87
N LEU B 118 3.77 9.97 -16.96
CA LEU B 118 4.08 9.52 -15.61
C LEU B 118 4.29 8.00 -15.60
N SER B 119 5.32 7.57 -14.89
CA SER B 119 5.51 6.14 -14.67
C SER B 119 4.46 5.65 -13.68
N TYR B 120 4.30 4.33 -13.59
CA TYR B 120 3.30 3.78 -12.69
C TYR B 120 3.59 4.15 -11.25
N SER B 121 4.86 4.10 -10.89
CA SER B 121 5.26 4.44 -9.54
C SER B 121 5.02 5.94 -9.28
N GLU B 122 5.25 6.78 -10.27
CA GLU B 122 4.96 8.20 -10.09
C GLU B 122 3.47 8.38 -9.93
N ILE B 123 2.69 7.63 -10.70
CA ILE B 123 1.25 7.71 -10.59
C ILE B 123 0.74 7.29 -9.22
N GLN B 124 1.24 6.18 -8.70
CA GLN B 124 0.70 5.67 -7.44
C GLN B 124 0.99 6.66 -6.34
N SER B 125 2.18 7.26 -6.42
CA SER B 125 2.62 8.26 -5.45
C SER B 125 1.71 9.47 -5.51
N LEU B 126 1.51 10.00 -6.71
CA LEU B 126 0.65 11.16 -6.94
C LEU B 126 -0.75 10.94 -6.38
N GLU B 127 -1.33 9.78 -6.65
CA GLU B 127 -2.68 9.51 -6.18
C GLU B 127 -2.79 9.33 -4.67
N MSE B 128 -1.78 8.73 -4.07
CA MSE B 128 -1.82 8.48 -2.64
C MSE B 128 -1.48 9.73 -1.82
O MSE B 128 -2.05 9.94 -0.74
CB MSE B 128 -0.90 7.33 -2.26
CG MSE B 128 -0.77 7.17 -0.74
SE MSE B 128 0.44 5.74 -0.25
CE MSE B 128 -0.42 4.28 -1.23
N ARG B 129 -0.56 10.54 -2.32
CA ARG B 129 -0.13 11.72 -1.60
C ARG B 129 -1.17 12.81 -1.66
N LYS B 130 -1.89 12.87 -2.77
CA LYS B 130 -2.82 13.97 -3.00
C LYS B 130 -4.26 13.50 -2.82
N ASN B 131 -4.42 12.21 -2.59
CA ASN B 131 -5.74 11.60 -2.48
C ASN B 131 -6.57 11.95 -3.69
N ILE B 132 -6.06 11.56 -4.85
CA ILE B 132 -6.61 12.01 -6.11
C ILE B 132 -6.72 10.87 -7.12
N GLN B 133 -7.60 11.05 -8.10
CA GLN B 133 -7.69 10.12 -9.23
C GLN B 133 -7.06 10.77 -10.42
N TYR B 134 -6.12 10.06 -11.04
CA TYR B 134 -5.46 10.46 -12.28
C TYR B 134 -5.89 9.49 -13.41
N ILE B 135 -6.45 10.06 -14.49
CA ILE B 135 -7.02 9.26 -15.58
C ILE B 135 -6.42 9.58 -16.93
N THR B 136 -5.90 8.58 -17.62
CA THR B 136 -5.30 8.80 -18.94
C THR B 136 -5.98 7.93 -20.01
N PRO B 137 -7.09 8.45 -20.53
CA PRO B 137 -7.95 7.74 -21.45
C PRO B 137 -7.16 7.17 -22.63
N LEU B 138 -6.15 7.88 -23.10
CA LEU B 138 -5.45 7.47 -24.32
C LEU B 138 -4.31 6.48 -24.06
N MSE B 139 -4.00 6.24 -22.80
CA MSE B 139 -2.83 5.41 -22.49
C MSE B 139 -2.89 4.05 -23.18
O MSE B 139 -1.87 3.51 -23.57
CB MSE B 139 -2.63 5.24 -20.96
CG MSE B 139 -1.26 4.69 -20.60
SE MSE B 139 0.25 5.76 -21.28
CE MSE B 139 -0.26 7.44 -20.54
N GLY B 140 -4.10 3.50 -23.32
CA GLY B 140 -4.24 2.21 -23.97
C GLY B 140 -4.35 2.21 -25.49
N PHE B 141 -4.23 3.37 -26.11
CA PHE B 141 -4.43 3.53 -27.56
C PHE B 141 -3.17 3.97 -28.28
N GLY B 142 -2.82 3.27 -29.34
CA GLY B 142 -1.61 3.58 -30.06
C GLY B 142 -1.82 4.54 -31.22
N TYR B 143 -0.70 5.09 -31.68
CA TYR B 143 -0.67 5.98 -32.84
C TYR B 143 -1.74 5.69 -33.87
N LYS B 144 -1.68 4.52 -34.50
CA LYS B 144 -2.61 4.20 -35.58
C LYS B 144 -4.07 4.21 -35.11
N THR B 145 -4.34 3.64 -33.95
CA THR B 145 -5.71 3.64 -33.45
C THR B 145 -6.27 5.06 -33.24
N LEU B 146 -5.44 5.94 -32.67
CA LEU B 146 -5.78 7.33 -32.46
C LEU B 146 -5.98 8.07 -33.77
N ARG B 147 -5.15 7.77 -34.76
CA ARG B 147 -5.28 8.43 -36.05
C ARG B 147 -6.67 8.09 -36.60
N HIS B 148 -7.05 6.83 -36.49
CA HIS B 148 -8.35 6.38 -36.98
C HIS B 148 -9.52 7.01 -36.23
N LEU B 149 -9.40 7.08 -34.91
CA LEU B 149 -10.47 7.64 -34.09
C LEU B 149 -10.69 9.12 -34.34
N ALA B 150 -9.58 9.87 -34.44
CA ALA B 150 -9.63 11.29 -34.76
C ALA B 150 -10.41 11.55 -36.05
N SER B 151 -10.11 10.79 -37.09
CA SER B 151 -10.76 11.02 -38.36
C SER B 151 -12.22 10.55 -38.33
N GLU B 152 -12.58 9.70 -37.38
CA GLU B 152 -13.97 9.29 -37.27
C GLU B 152 -14.83 10.30 -36.52
N PHE B 153 -14.25 10.98 -35.53
CA PHE B 153 -15.00 11.95 -34.75
C PHE B 153 -14.92 13.37 -35.31
N PHE B 154 -13.78 13.73 -35.88
CA PHE B 154 -13.54 15.14 -36.18
C PHE B 154 -13.35 15.47 -37.64
N ILE B 155 -13.79 16.67 -37.99
CA ILE B 155 -13.36 17.29 -39.23
C ILE B 155 -12.00 17.92 -38.97
N LEU B 156 -11.04 17.65 -39.85
CA LEU B 156 -9.66 18.05 -39.58
C LEU B 156 -9.04 18.91 -40.68
N GLU B 157 -8.02 19.69 -40.29
CA GLU B 157 -7.29 20.52 -41.24
C GLU B 157 -5.90 20.80 -40.72
N GLU B 158 -4.93 20.95 -41.64
CA GLU B 158 -3.54 21.20 -41.24
C GLU B 158 -3.18 22.69 -41.03
N ILE B 159 -2.45 22.97 -39.95
CA ILE B 159 -1.93 24.32 -39.65
C ILE B 159 -0.46 24.39 -40.05
N LYS B 160 -0.12 25.35 -40.91
CA LYS B 160 1.19 25.36 -41.56
C LYS B 160 2.36 25.91 -40.73
N SER B 161 2.95 25.04 -39.91
CA SER B 161 4.26 25.28 -39.31
C SER B 161 4.36 26.39 -38.24
N GLY B 162 4.26 27.64 -38.66
CA GLY B 162 4.42 28.76 -37.76
C GLY B 162 3.46 29.91 -38.01
N THR B 163 2.17 29.64 -37.88
CA THR B 163 1.14 30.67 -37.99
C THR B 163 0.34 30.72 -36.69
N LYS B 164 -0.48 29.70 -36.48
CA LYS B 164 -1.24 29.56 -35.25
C LYS B 164 -0.34 28.96 -34.19
N LEU B 165 -0.61 29.35 -32.94
CA LEU B 165 0.16 28.89 -31.80
C LEU B 165 -0.58 27.72 -31.16
N SER B 166 0.10 26.58 -31.03
CA SER B 166 -0.47 25.43 -30.32
C SER B 166 -0.65 25.77 -28.84
N SER B 167 -1.50 25.02 -28.14
CA SER B 167 -1.86 25.40 -26.78
C SER B 167 -1.24 24.55 -25.68
N ASP B 168 -0.19 23.81 -26.01
CA ASP B 168 0.61 23.14 -24.98
C ASP B 168 1.79 24.02 -24.55
N TYR B 169 2.59 23.52 -23.61
CA TYR B 169 3.70 24.26 -23.01
C TYR B 169 4.72 24.81 -24.02
N GLU B 170 4.89 24.07 -25.12
CA GLU B 170 5.80 24.45 -26.18
C GLU B 170 5.86 25.97 -26.45
N ALA B 171 4.79 26.53 -26.99
CA ALA B 171 4.78 27.92 -27.41
C ALA B 171 5.38 28.86 -26.37
N GLU B 172 4.91 28.74 -25.12
CA GLU B 172 5.38 29.61 -24.05
C GLU B 172 6.85 29.37 -23.75
N ILE B 173 7.29 28.12 -23.91
CA ILE B 173 8.68 27.79 -23.73
C ILE B 173 9.49 28.38 -24.88
N ARG B 174 9.00 28.10 -26.09
CA ARG B 174 9.59 28.61 -27.31
C ARG B 174 9.83 30.11 -27.18
N HIS B 175 8.84 30.81 -26.66
CA HIS B 175 8.91 32.26 -26.57
C HIS B 175 10.06 32.73 -25.70
N ILE B 176 10.19 32.13 -24.51
CA ILE B 176 11.26 32.50 -23.60
C ILE B 176 12.59 32.30 -24.31
N LEU B 177 12.70 31.22 -25.08
CA LEU B 177 13.95 30.90 -25.78
C LEU B 177 14.32 31.99 -26.76
N LYS B 178 13.32 32.47 -27.50
CA LYS B 178 13.54 33.61 -28.38
C LYS B 178 14.06 34.80 -27.60
N GLU B 179 13.28 35.31 -26.64
CA GLU B 179 13.70 36.44 -25.84
C GLU B 179 15.15 36.28 -25.45
N ARG B 180 15.53 35.03 -25.20
CA ARG B 180 16.81 34.75 -24.56
C ARG B 180 17.96 34.91 -25.52
N GLY B 181 17.65 34.98 -26.81
CA GLY B 181 18.68 35.07 -27.82
C GLY B 181 19.08 33.69 -28.28
N GLU B 182 18.18 32.73 -28.09
CA GLU B 182 18.38 31.39 -28.60
C GLU B 182 17.75 31.27 -29.98
N SER B 183 17.88 30.10 -30.58
CA SER B 183 17.19 29.84 -31.83
C SER B 183 16.25 28.65 -31.66
N PRO B 184 14.95 28.91 -31.73
CA PRO B 184 13.91 27.95 -31.35
C PRO B 184 13.75 26.92 -32.44
N GLU B 185 13.97 27.34 -33.67
CA GLU B 185 13.86 26.45 -34.81
C GLU B 185 14.82 25.28 -34.62
N LYS B 186 15.86 25.48 -33.81
CA LYS B 186 16.84 24.43 -33.53
C LYS B 186 16.26 23.29 -32.69
N TYR B 187 15.47 23.62 -31.68
CA TYR B 187 14.87 22.60 -30.83
C TYR B 187 13.41 22.31 -31.20
N PHE B 188 12.66 23.35 -31.55
CA PHE B 188 11.24 23.21 -31.84
C PHE B 188 10.91 23.53 -33.29
N PRO B 189 11.50 22.79 -34.23
CA PRO B 189 11.44 23.16 -35.65
C PRO B 189 10.01 23.49 -36.10
N LYS B 192 2.65 18.12 -38.22
CA LYS B 192 2.57 19.57 -38.29
C LYS B 192 1.75 20.12 -37.15
N GLN B 193 0.71 20.88 -37.50
CA GLN B 193 -0.39 21.12 -36.59
C GLN B 193 -1.64 20.68 -37.34
N THR B 194 -2.52 19.97 -36.66
CA THR B 194 -3.81 19.63 -37.23
C THR B 194 -4.91 20.26 -36.38
N ARG B 195 -5.78 21.00 -37.03
CA ARG B 195 -6.86 21.69 -36.34
C ARG B 195 -8.16 20.86 -36.37
N VAL B 196 -8.73 20.66 -35.19
CA VAL B 196 -10.09 20.17 -35.12
C VAL B 196 -10.98 21.30 -35.56
N VAL B 197 -11.58 21.16 -36.74
CA VAL B 197 -12.48 22.20 -37.22
C VAL B 197 -13.95 21.91 -36.89
N GLY B 198 -14.30 20.64 -36.77
CA GLY B 198 -15.67 20.29 -36.45
C GLY B 198 -15.86 18.86 -36.03
N LEU B 199 -17.11 18.54 -35.75
CA LEU B 199 -17.50 17.18 -35.35
C LEU B 199 -18.17 16.42 -36.46
N LYS B 200 -17.80 15.15 -36.64
CA LYS B 200 -18.45 14.33 -37.66
C LYS B 200 -19.75 13.70 -37.16
N LYS B 201 -19.98 13.79 -35.86
CA LYS B 201 -21.18 13.25 -35.22
C LYS B 201 -21.28 13.77 -33.79
N GLU B 202 -22.48 13.67 -33.22
CA GLU B 202 -22.69 14.08 -31.84
C GLU B 202 -21.80 13.27 -30.91
N ILE B 203 -21.33 13.93 -29.86
CA ILE B 203 -20.45 13.32 -28.89
C ILE B 203 -21.23 12.37 -27.97
N LEU C 6 -16.22 22.17 1.64
CA LEU C 6 -17.65 22.06 1.93
C LEU C 6 -18.15 20.62 1.81
N MSE C 7 -17.64 19.76 2.69
CA MSE C 7 -17.81 18.32 2.53
C MSE C 7 -19.04 17.77 3.20
O MSE C 7 -19.27 18.01 4.38
CB MSE C 7 -16.60 17.61 3.13
CG MSE C 7 -15.30 17.93 2.47
SE MSE C 7 -15.17 16.92 0.84
CE MSE C 7 -13.93 18.12 -0.08
N ASP C 8 -19.82 17.00 2.45
CA ASP C 8 -20.85 16.20 3.08
C ASP C 8 -20.18 15.05 3.83
N VAL C 9 -20.79 14.63 4.93
CA VAL C 9 -20.38 13.39 5.57
C VAL C 9 -21.63 12.72 6.07
N HIS C 10 -21.68 11.39 5.94
CA HIS C 10 -22.82 10.65 6.48
C HIS C 10 -22.44 9.93 7.77
N VAL C 11 -23.19 10.24 8.83
CA VAL C 11 -22.87 9.86 10.21
C VAL C 11 -23.86 8.84 10.77
N LEU C 12 -23.37 7.68 11.18
CA LEU C 12 -24.18 6.67 11.83
C LEU C 12 -24.59 7.19 13.18
N PHE C 13 -25.91 7.30 13.41
CA PHE C 13 -26.45 8.16 14.47
C PHE C 13 -27.56 7.52 15.32
N SER C 14 -27.40 7.60 16.64
CA SER C 14 -28.30 6.96 17.61
C SER C 14 -29.18 7.96 18.36
N GLY C 15 -28.80 9.22 18.34
CA GLY C 15 -29.54 10.22 19.08
C GLY C 15 -29.03 10.47 20.48
N GLY C 16 -28.23 9.57 21.02
CA GLY C 16 -27.62 9.80 22.31
C GLY C 16 -26.58 10.93 22.31
N LYS C 17 -26.15 11.26 23.51
CA LYS C 17 -25.13 12.27 23.84
C LYS C 17 -23.91 12.20 22.92
N ASP C 18 -23.19 11.09 23.07
CA ASP C 18 -21.97 10.86 22.33
C ASP C 18 -22.21 10.89 20.84
N SER C 19 -23.18 10.12 20.40
CA SER C 19 -23.55 10.11 19.00
C SER C 19 -23.68 11.56 18.55
N SER C 20 -24.32 12.36 19.38
CA SER C 20 -24.54 13.78 19.10
C SER C 20 -23.24 14.59 19.02
N LEU C 21 -22.30 14.35 19.93
CA LEU C 21 -21.02 15.06 19.89
C LEU C 21 -20.31 14.85 18.55
N SER C 22 -20.39 13.63 18.02
CA SER C 22 -19.69 13.32 16.79
C SER C 22 -20.25 14.13 15.62
N ALA C 23 -21.57 14.30 15.57
CA ALA C 23 -22.22 15.14 14.56
C ALA C 23 -21.74 16.58 14.73
N VAL C 24 -21.81 17.07 15.97
CA VAL C 24 -21.48 18.45 16.29
C VAL C 24 -20.01 18.77 16.07
N ILE C 25 -19.14 17.84 16.46
CA ILE C 25 -17.72 18.00 16.22
C ILE C 25 -17.43 18.13 14.73
N LEU C 26 -17.96 17.18 13.96
CA LEU C 26 -17.78 17.19 12.51
C LEU C 26 -18.22 18.54 11.95
N LYS C 27 -19.37 19.01 12.40
CA LYS C 27 -19.90 20.24 11.91
C LYS C 27 -19.02 21.43 12.35
N LYS C 28 -18.42 21.35 13.55
CA LYS C 28 -17.52 22.43 13.97
C LYS C 28 -16.25 22.44 13.14
N LEU C 29 -15.95 21.34 12.47
CA LEU C 29 -14.75 21.24 11.63
C LEU C 29 -15.03 21.50 10.15
N GLY C 30 -16.26 21.92 9.85
CA GLY C 30 -16.58 22.39 8.52
C GLY C 30 -17.28 21.40 7.60
N TYR C 31 -17.74 20.28 8.13
CA TYR C 31 -18.48 19.35 7.30
C TYR C 31 -19.96 19.64 7.36
N ASN C 32 -20.67 19.14 6.36
CA ASN C 32 -22.12 19.12 6.35
C ASN C 32 -22.59 17.70 6.69
N PRO C 33 -22.96 17.46 7.95
CA PRO C 33 -23.33 16.12 8.43
C PRO C 33 -24.74 15.73 8.03
N HIS C 34 -24.87 14.66 7.25
CA HIS C 34 -26.15 14.04 7.00
C HIS C 34 -26.28 12.87 7.96
N LEU C 35 -27.09 13.06 9.01
CA LEU C 35 -27.27 12.02 10.02
C LEU C 35 -28.04 10.84 9.43
N ILE C 36 -27.53 9.64 9.64
CA ILE C 36 -28.27 8.46 9.24
C ILE C 36 -28.46 7.49 10.40
N THR C 37 -29.65 6.90 10.44
CA THR C 37 -30.00 5.91 11.45
C THR C 37 -30.48 4.64 10.79
N ILE C 38 -29.99 3.52 11.27
CA ILE C 38 -30.31 2.25 10.62
C ILE C 38 -31.47 1.51 11.26
N ASN C 39 -32.33 1.01 10.40
CA ASN C 39 -33.46 0.20 10.82
C ASN C 39 -33.52 -1.10 10.03
N PHE C 40 -33.88 -2.18 10.71
CA PHE C 40 -34.00 -3.48 10.05
C PHE C 40 -35.45 -3.94 9.88
N GLY C 41 -36.39 -2.99 9.99
CA GLY C 41 -37.80 -3.29 9.81
C GLY C 41 -38.42 -4.22 10.85
N VAL C 42 -37.81 -4.29 12.02
CA VAL C 42 -38.30 -5.13 13.10
C VAL C 42 -39.14 -4.27 14.03
N ILE C 43 -38.60 -3.12 14.43
CA ILE C 43 -39.37 -2.10 15.14
C ILE C 43 -38.87 -0.70 14.83
N PRO C 44 -39.74 0.28 15.01
CA PRO C 44 -39.41 1.68 14.70
C PRO C 44 -38.59 2.33 15.84
N SER C 45 -37.43 1.75 16.13
CA SER C 45 -36.62 2.17 17.27
C SER C 45 -35.83 3.47 17.02
N TYR C 46 -36.15 4.15 15.93
CA TYR C 46 -35.41 5.30 15.48
C TYR C 46 -36.11 6.62 15.84
N LYS C 47 -37.25 6.54 16.52
CA LYS C 47 -37.98 7.74 16.90
C LYS C 47 -37.07 8.77 17.58
N LEU C 48 -36.33 8.32 18.59
CA LEU C 48 -35.54 9.22 19.40
C LEU C 48 -34.41 9.87 18.61
N ALA C 49 -33.82 9.11 17.70
CA ALA C 49 -32.77 9.69 16.85
C ALA C 49 -33.30 10.80 15.94
N GLU C 50 -34.50 10.61 15.39
CA GLU C 50 -35.15 11.65 14.59
C GLU C 50 -35.38 12.92 15.38
N GLU C 51 -35.85 12.78 16.61
CA GLU C 51 -36.09 13.94 17.47
C GLU C 51 -34.79 14.67 17.77
N THR C 52 -33.79 13.92 18.15
CA THR C 52 -32.52 14.52 18.54
C THR C 52 -31.91 15.26 17.36
N ALA C 53 -32.16 14.74 16.16
CA ALA C 53 -31.69 15.41 14.96
C ALA C 53 -32.37 16.75 14.82
N LYS C 54 -33.69 16.78 15.02
CA LYS C 54 -34.46 18.03 14.94
C LYS C 54 -33.90 19.06 15.91
N ILE C 55 -33.51 18.58 17.09
CA ILE C 55 -32.97 19.43 18.14
C ILE C 55 -31.57 19.94 17.75
N LEU C 56 -30.78 19.07 17.17
CA LEU C 56 -29.46 19.47 16.70
C LEU C 56 -29.58 20.39 15.49
N GLY C 57 -30.67 20.25 14.75
CA GLY C 57 -30.85 20.99 13.51
C GLY C 57 -30.10 20.40 12.32
N PHE C 58 -29.94 19.07 12.28
CA PHE C 58 -29.23 18.42 11.18
C PHE C 58 -30.18 17.55 10.38
N LYS C 59 -29.92 17.47 9.07
CA LYS C 59 -30.61 16.55 8.17
C LYS C 59 -30.57 15.14 8.72
N HIS C 60 -31.68 14.42 8.60
CA HIS C 60 -31.72 13.05 9.09
C HIS C 60 -32.48 12.13 8.15
N LYS C 61 -32.05 10.88 8.10
CA LYS C 61 -32.65 9.89 7.24
C LYS C 61 -32.61 8.53 7.94
N VAL C 62 -33.61 7.71 7.65
CA VAL C 62 -33.62 6.34 8.13
C VAL C 62 -33.18 5.45 6.98
N ILE C 63 -32.25 4.54 7.22
CA ILE C 63 -31.87 3.62 6.16
C ILE C 63 -32.21 2.21 6.56
N THR C 64 -33.01 1.55 5.74
CA THR C 64 -33.56 0.24 6.05
C THR C 64 -32.76 -0.88 5.43
N LEU C 65 -32.21 -1.76 6.26
CA LEU C 65 -31.42 -2.90 5.77
C LEU C 65 -32.13 -4.23 6.01
N ASP C 66 -31.50 -5.31 5.57
CA ASP C 66 -32.05 -6.67 5.63
C ASP C 66 -32.16 -7.21 7.06
N ARG C 67 -33.36 -7.65 7.44
CA ARG C 67 -33.59 -8.13 8.80
C ARG C 67 -32.69 -9.33 9.10
N LYS C 68 -32.27 -9.99 8.05
CA LYS C 68 -31.39 -11.13 8.18
C LYS C 68 -30.12 -10.77 8.98
N ILE C 69 -29.55 -9.61 8.67
CA ILE C 69 -28.32 -9.15 9.31
C ILE C 69 -28.43 -9.27 10.82
N VAL C 70 -29.61 -8.95 11.32
CA VAL C 70 -29.87 -8.80 12.74
C VAL C 70 -30.48 -10.08 13.34
N GLU C 71 -31.10 -10.90 12.49
CA GLU C 71 -31.45 -12.28 12.84
C GLU C 71 -30.19 -13.05 13.21
N LYS C 72 -29.13 -12.80 12.46
CA LYS C 72 -27.85 -13.46 12.68
C LYS C 72 -27.18 -12.97 13.96
N ALA C 73 -27.34 -11.68 14.26
CA ALA C 73 -26.85 -11.13 15.52
C ALA C 73 -27.46 -11.88 16.69
N ALA C 74 -28.79 -11.96 16.73
CA ALA C 74 -29.47 -12.74 17.76
C ALA C 74 -28.86 -14.12 17.83
N ASP C 75 -28.74 -14.78 16.69
CA ASP C 75 -28.13 -16.09 16.67
C ASP C 75 -26.82 -16.02 17.45
N MSE C 76 -25.95 -15.08 17.11
CA MSE C 76 -24.62 -14.95 17.73
C MSE C 76 -24.66 -14.64 19.23
O MSE C 76 -23.81 -15.10 20.00
CB MSE C 76 -23.79 -13.91 17.01
CG MSE C 76 -23.54 -14.24 15.55
SE MSE C 76 -22.58 -12.85 14.57
CE MSE C 76 -20.87 -12.93 15.52
N ILE C 77 -25.63 -13.85 19.66
CA ILE C 77 -25.76 -13.61 21.09
C ILE C 77 -26.20 -14.89 21.83
N ILE C 78 -27.05 -15.69 21.19
CA ILE C 78 -27.50 -16.95 21.78
C ILE C 78 -26.33 -17.91 21.90
N GLU C 79 -25.59 -18.03 20.81
CA GLU C 79 -24.41 -18.87 20.77
C GLU C 79 -23.37 -18.40 21.80
N HIS C 80 -23.00 -17.13 21.75
CA HIS C 80 -21.90 -16.68 22.61
C HIS C 80 -22.32 -16.43 24.06
N LYS C 81 -23.57 -16.01 24.27
CA LYS C 81 -24.03 -15.56 25.58
C LYS C 81 -23.34 -14.25 26.01
N TYR C 82 -22.87 -13.47 25.04
CA TYR C 82 -22.46 -12.11 25.30
C TYR C 82 -22.50 -11.33 23.98
N PRO C 83 -22.69 -10.03 24.06
CA PRO C 83 -23.08 -9.42 22.79
C PRO C 83 -21.95 -8.94 21.86
N GLY C 84 -20.73 -8.80 22.36
CA GLY C 84 -19.65 -8.21 21.58
C GLY C 84 -19.58 -8.63 20.12
N PRO C 85 -19.36 -9.92 19.90
CA PRO C 85 -19.19 -10.43 18.53
C PRO C 85 -20.35 -10.03 17.62
N ALA C 86 -21.56 -10.10 18.14
CA ALA C 86 -22.75 -9.74 17.37
C ALA C 86 -22.75 -8.25 16.98
N ILE C 87 -22.52 -7.39 17.96
CA ILE C 87 -22.45 -5.95 17.71
C ILE C 87 -21.34 -5.65 16.72
N GLN C 88 -20.17 -6.27 16.91
CA GLN C 88 -19.09 -6.13 15.94
C GLN C 88 -19.54 -6.50 14.53
N TYR C 89 -20.15 -7.68 14.41
CA TYR C 89 -20.61 -8.18 13.13
C TYR C 89 -21.56 -7.19 12.45
N VAL C 90 -22.61 -6.79 13.15
CA VAL C 90 -23.63 -5.91 12.61
C VAL C 90 -23.01 -4.59 12.14
N HIS C 91 -22.33 -3.89 13.05
CA HIS C 91 -21.66 -2.66 12.69
C HIS C 91 -20.69 -2.80 11.51
N LYS C 92 -19.93 -3.89 11.46
CA LYS C 92 -19.10 -4.08 10.27
C LYS C 92 -19.91 -4.28 8.98
N THR C 93 -21.05 -4.93 9.07
CA THR C 93 -21.84 -5.22 7.88
C THR C 93 -22.52 -3.94 7.40
N VAL C 94 -23.04 -3.19 8.36
CA VAL C 94 -23.63 -1.90 8.07
C VAL C 94 -22.63 -0.98 7.33
N LEU C 95 -21.42 -0.88 7.87
CA LEU C 95 -20.41 -0.05 7.22
C LEU C 95 -20.07 -0.51 5.81
N GLU C 96 -20.02 -1.83 5.56
CA GLU C 96 -19.71 -2.36 4.23
C GLU C 96 -20.75 -1.99 3.19
N ILE C 97 -22.00 -2.01 3.61
CA ILE C 97 -23.11 -1.64 2.76
C ILE C 97 -23.13 -0.13 2.53
N LEU C 98 -22.97 0.64 3.61
CA LEU C 98 -22.93 2.11 3.48
C LEU C 98 -21.81 2.61 2.57
N ALA C 99 -20.67 1.94 2.62
CA ALA C 99 -19.51 2.36 1.85
C ALA C 99 -19.81 2.41 0.33
N ASP C 100 -20.73 1.55 -0.13
CA ASP C 100 -21.08 1.52 -1.53
C ASP C 100 -21.84 2.77 -1.98
N GLU C 101 -22.51 3.42 -1.05
CA GLU C 101 -23.34 4.56 -1.38
C GLU C 101 -22.76 5.90 -0.93
N TYR C 102 -21.91 5.90 0.10
CA TYR C 102 -21.39 7.14 0.64
C TYR C 102 -19.88 7.12 0.73
N SER C 103 -19.24 8.16 0.23
CA SER C 103 -17.78 8.17 0.14
C SER C 103 -17.10 8.79 1.36
N ILE C 104 -17.89 9.37 2.27
CA ILE C 104 -17.36 9.85 3.54
C ILE C 104 -18.26 9.44 4.71
N LEU C 105 -17.87 8.39 5.41
CA LEU C 105 -18.64 7.83 6.52
C LEU C 105 -18.07 8.20 7.88
N ALA C 106 -18.96 8.44 8.83
CA ALA C 106 -18.55 8.62 10.22
C ALA C 106 -19.51 7.89 11.19
N ASP C 107 -19.06 7.71 12.42
CA ASP C 107 -19.93 7.16 13.45
C ASP C 107 -19.44 7.60 14.82
N GLY C 108 -20.05 7.03 15.85
CA GLY C 108 -19.82 7.46 17.22
C GLY C 108 -18.93 6.57 18.02
N THR C 109 -18.19 5.68 17.35
CA THR C 109 -17.27 4.82 18.09
C THR C 109 -16.29 5.69 18.87
N ARG C 110 -15.96 5.26 20.08
CA ARG C 110 -15.15 6.11 20.94
C ARG C 110 -14.04 5.35 21.62
N ARG C 111 -13.09 6.11 22.15
CA ARG C 111 -11.89 5.54 22.75
C ARG C 111 -12.20 4.44 23.77
N ASP C 112 -13.14 4.68 24.68
CA ASP C 112 -13.33 3.78 25.83
C ASP C 112 -14.27 2.59 25.62
N ASP C 113 -15.03 2.58 24.52
CA ASP C 113 -15.91 1.45 24.27
C ASP C 113 -15.23 0.47 23.33
N ARG C 114 -14.97 -0.74 23.82
CA ARG C 114 -14.33 -1.78 23.03
C ARG C 114 -15.19 -2.21 21.83
N VAL C 115 -16.48 -1.91 21.88
CA VAL C 115 -17.43 -2.44 20.91
C VAL C 115 -18.57 -1.47 20.65
N PRO C 116 -18.97 -1.29 19.36
CA PRO C 116 -18.30 -1.81 18.17
C PRO C 116 -17.06 -0.96 17.85
N LYS C 117 -16.05 -1.57 17.23
CA LYS C 117 -14.85 -0.84 16.86
C LYS C 117 -14.01 -1.61 15.86
N LEU C 118 -13.70 -0.98 14.74
CA LEU C 118 -12.86 -1.60 13.70
C LEU C 118 -11.39 -1.55 14.06
N SER C 119 -10.70 -2.64 13.78
CA SER C 119 -9.24 -2.66 13.86
C SER C 119 -8.63 -1.75 12.78
N TYR C 120 -7.39 -1.33 13.00
CA TYR C 120 -6.68 -0.52 12.03
C TYR C 120 -6.64 -1.22 10.66
N SER C 121 -6.32 -2.51 10.65
CA SER C 121 -6.29 -3.23 9.39
C SER C 121 -7.69 -3.31 8.75
N GLU C 122 -8.74 -3.46 9.56
CA GLU C 122 -10.10 -3.40 9.04
C GLU C 122 -10.40 -2.06 8.36
N ILE C 123 -9.93 -0.98 8.95
CA ILE C 123 -10.10 0.37 8.39
C ILE C 123 -9.36 0.57 7.10
N GLN C 124 -8.10 0.12 7.02
CA GLN C 124 -7.36 0.21 5.76
C GLN C 124 -8.05 -0.58 4.66
N SER C 125 -8.49 -1.79 4.97
CA SER C 125 -9.13 -2.64 3.99
C SER C 125 -10.38 -1.95 3.45
N LEU C 126 -11.17 -1.42 4.38
CA LEU C 126 -12.42 -0.76 4.06
C LEU C 126 -12.19 0.47 3.17
N GLU C 127 -11.34 1.37 3.60
CA GLU C 127 -11.07 2.55 2.80
C GLU C 127 -10.52 2.22 1.41
N MSE C 128 -9.67 1.21 1.33
CA MSE C 128 -9.07 0.86 0.05
C MSE C 128 -10.05 0.14 -0.88
O MSE C 128 -10.14 0.45 -2.07
CB MSE C 128 -7.83 0.01 0.23
CG MSE C 128 -7.02 -0.11 -1.04
SE MSE C 128 -5.48 -1.26 -0.74
CE MSE C 128 -4.71 -0.30 0.80
N ARG C 129 -10.78 -0.83 -0.34
CA ARG C 129 -11.67 -1.62 -1.16
C ARG C 129 -12.80 -0.75 -1.67
N LYS C 130 -13.28 0.14 -0.82
CA LYS C 130 -14.48 0.88 -1.12
C LYS C 130 -14.19 2.31 -1.56
N ASN C 131 -12.91 2.67 -1.62
CA ASN C 131 -12.47 4.04 -1.86
C ASN C 131 -13.25 5.09 -1.09
N ILE C 132 -13.31 4.93 0.22
CA ILE C 132 -13.96 5.92 1.08
C ILE C 132 -13.04 6.43 2.18
N GLN C 133 -13.48 7.51 2.81
CA GLN C 133 -12.94 7.94 4.09
C GLN C 133 -13.83 7.49 5.24
N TYR C 134 -13.18 6.98 6.29
CA TYR C 134 -13.90 6.55 7.48
C TYR C 134 -13.44 7.39 8.66
N ILE C 135 -14.37 8.11 9.29
CA ILE C 135 -14.02 9.07 10.33
C ILE C 135 -14.68 8.76 11.69
N THR C 136 -13.86 8.64 12.73
CA THR C 136 -14.36 8.39 14.07
C THR C 136 -13.90 9.50 15.02
N PRO C 137 -14.63 10.61 15.00
CA PRO C 137 -14.27 11.82 15.76
C PRO C 137 -14.03 11.56 17.27
N LEU C 138 -14.74 10.61 17.85
CA LEU C 138 -14.61 10.36 19.28
C LEU C 138 -13.48 9.39 19.62
N MSE C 139 -12.75 8.88 18.62
CA MSE C 139 -11.75 7.86 18.91
C MSE C 139 -10.68 8.36 19.88
O MSE C 139 -10.15 7.58 20.68
CB MSE C 139 -11.09 7.34 17.63
CG MSE C 139 -10.32 6.02 17.84
SE MSE C 139 -11.45 4.63 18.73
CE MSE C 139 -12.95 4.67 17.48
N GLY C 140 -10.38 9.65 19.83
CA GLY C 140 -9.32 10.24 20.64
C GLY C 140 -9.82 10.86 21.95
N PHE C 141 -11.09 10.66 22.28
CA PHE C 141 -11.65 11.33 23.46
C PHE C 141 -12.16 10.34 24.51
N GLY C 142 -11.63 10.46 25.74
CA GLY C 142 -12.11 9.63 26.83
C GLY C 142 -13.45 10.04 27.44
N TYR C 143 -14.05 9.08 28.14
CA TYR C 143 -15.27 9.27 28.89
C TYR C 143 -15.36 10.61 29.65
N LYS C 144 -14.40 10.89 30.53
CA LYS C 144 -14.35 12.17 31.24
C LYS C 144 -14.42 13.38 30.31
N THR C 145 -13.73 13.30 29.17
CA THR C 145 -13.68 14.41 28.22
C THR C 145 -14.99 14.54 27.43
N LEU C 146 -15.60 13.40 27.08
CA LEU C 146 -16.91 13.40 26.41
C LEU C 146 -17.96 13.98 27.34
N ARG C 147 -17.86 13.63 28.61
CA ARG C 147 -18.79 14.14 29.62
C ARG C 147 -18.74 15.67 29.69
N HIS C 148 -17.54 16.22 29.69
CA HIS C 148 -17.36 17.66 29.77
C HIS C 148 -17.93 18.35 28.52
N LEU C 149 -17.52 17.86 27.36
CA LEU C 149 -17.98 18.41 26.09
C LEU C 149 -19.50 18.37 25.91
N ALA C 150 -20.14 17.28 26.33
CA ALA C 150 -21.58 17.10 26.12
C ALA C 150 -22.33 18.14 26.93
N SER C 151 -21.80 18.44 28.11
CA SER C 151 -22.43 19.39 29.01
C SER C 151 -22.18 20.83 28.57
N GLU C 152 -21.16 21.03 27.71
CA GLU C 152 -20.86 22.36 27.18
C GLU C 152 -21.77 22.65 26.00
N PHE C 153 -22.00 21.66 25.18
CA PHE C 153 -22.72 21.87 23.94
C PHE C 153 -24.22 21.63 24.10
N PHE C 154 -24.62 20.84 25.08
CA PHE C 154 -26.02 20.45 25.20
C PHE C 154 -26.72 20.80 26.51
N ILE C 155 -27.99 21.13 26.40
CA ILE C 155 -28.82 21.12 27.58
C ILE C 155 -29.17 19.65 27.76
N LEU C 156 -28.68 19.08 28.86
CA LEU C 156 -28.84 17.64 29.12
C LEU C 156 -29.81 17.43 30.27
N GLU C 157 -30.78 16.56 30.08
CA GLU C 157 -31.82 16.33 31.07
C GLU C 157 -32.06 14.82 31.12
N GLU C 158 -32.52 14.31 32.26
CA GLU C 158 -32.76 12.88 32.36
C GLU C 158 -34.25 12.58 32.20
N ILE C 159 -34.58 11.78 31.20
CA ILE C 159 -35.97 11.53 30.85
C ILE C 159 -36.30 10.04 30.75
N LYS C 160 -37.51 9.68 31.15
CA LYS C 160 -38.02 8.32 30.94
C LYS C 160 -39.12 8.30 29.87
N LYS C 164 -37.28 5.85 25.25
CA LYS C 164 -36.16 5.01 25.70
C LYS C 164 -34.96 5.00 24.74
N LEU C 165 -33.93 5.78 25.08
CA LEU C 165 -32.69 5.86 24.29
C LEU C 165 -31.90 4.55 24.30
N SER C 166 -31.47 4.10 23.13
CA SER C 166 -30.68 2.87 23.04
C SER C 166 -29.46 3.02 22.15
N SER C 167 -28.54 2.07 22.27
CA SER C 167 -27.36 1.99 21.42
C SER C 167 -27.76 1.53 20.04
N ASP C 168 -26.92 1.82 19.04
CA ASP C 168 -27.16 1.32 17.69
C ASP C 168 -27.56 -0.16 17.71
N TYR C 169 -28.68 -0.47 17.06
CA TYR C 169 -29.01 -1.86 16.72
C TYR C 169 -29.64 -2.65 17.84
N GLU C 170 -29.41 -2.21 19.07
CA GLU C 170 -29.76 -2.98 20.23
C GLU C 170 -31.27 -3.21 20.42
N ALA C 171 -32.06 -2.14 20.32
CA ALA C 171 -33.51 -2.22 20.49
C ALA C 171 -34.11 -3.31 19.63
N GLU C 172 -33.71 -3.33 18.37
CA GLU C 172 -34.24 -4.32 17.45
C GLU C 172 -33.73 -5.72 17.79
N ILE C 173 -32.43 -5.83 18.09
CA ILE C 173 -31.87 -7.13 18.42
C ILE C 173 -32.54 -7.70 19.66
N ARG C 174 -32.75 -6.86 20.67
CA ARG C 174 -33.43 -7.30 21.87
C ARG C 174 -34.85 -7.73 21.54
N HIS C 175 -35.46 -7.08 20.58
CA HIS C 175 -36.82 -7.41 20.23
C HIS C 175 -36.91 -8.83 19.64
N ILE C 176 -35.92 -9.19 18.85
CA ILE C 176 -35.91 -10.50 18.23
C ILE C 176 -35.66 -11.60 19.27
N LEU C 177 -34.67 -11.36 20.12
CA LEU C 177 -34.39 -12.23 21.28
C LEU C 177 -35.65 -12.53 22.08
N LYS C 178 -36.36 -11.47 22.39
CA LYS C 178 -37.59 -11.56 23.14
C LYS C 178 -38.56 -12.47 22.41
N GLU C 179 -38.75 -12.23 21.12
CA GLU C 179 -39.65 -13.05 20.31
C GLU C 179 -39.30 -14.53 20.46
N ARG C 180 -38.00 -14.82 20.48
CA ARG C 180 -37.51 -16.18 20.62
C ARG C 180 -37.68 -16.72 22.04
N GLY C 181 -38.20 -15.89 22.94
CA GLY C 181 -38.37 -16.31 24.32
C GLY C 181 -37.10 -16.18 25.14
N GLU C 182 -36.07 -15.58 24.55
CA GLU C 182 -34.89 -15.25 25.32
C GLU C 182 -35.14 -13.99 26.14
N SER C 183 -34.22 -13.69 27.03
CA SER C 183 -34.36 -12.50 27.87
C SER C 183 -33.13 -11.60 27.78
N PRO C 184 -33.18 -10.63 26.86
CA PRO C 184 -32.10 -9.71 26.48
C PRO C 184 -31.42 -9.08 27.70
N GLU C 185 -32.26 -8.89 28.71
CA GLU C 185 -31.88 -8.39 30.01
C GLU C 185 -30.59 -9.04 30.48
N LYS C 186 -30.42 -10.32 30.13
CA LYS C 186 -29.28 -11.12 30.56
C LYS C 186 -27.97 -10.75 29.91
N TYR C 187 -28.03 -10.07 28.76
CA TYR C 187 -26.83 -9.76 27.99
C TYR C 187 -26.61 -8.27 27.81
N PHE C 188 -27.64 -7.47 28.02
CA PHE C 188 -27.52 -6.03 27.80
C PHE C 188 -27.76 -5.28 29.08
N PRO C 189 -27.26 -4.04 29.16
CA PRO C 189 -27.68 -3.11 30.20
C PRO C 189 -28.80 -2.21 29.67
N GLU C 190 -29.35 -1.38 30.52
CA GLU C 190 -30.21 -0.30 30.06
C GLU C 190 -29.29 0.87 29.73
N HIS C 191 -29.64 1.65 28.71
CA HIS C 191 -28.84 2.81 28.37
C HIS C 191 -29.07 3.89 29.44
N LYS C 192 -28.07 4.75 29.64
CA LYS C 192 -28.05 5.65 30.79
C LYS C 192 -29.10 6.77 30.82
N GLN C 193 -29.83 6.97 29.72
CA GLN C 193 -31.09 7.70 29.81
C GLN C 193 -31.00 9.24 29.90
N THR C 194 -29.80 9.76 29.77
CA THR C 194 -29.59 11.20 29.81
C THR C 194 -29.72 11.76 28.41
N ARG C 195 -30.76 12.59 28.19
CA ARG C 195 -31.13 13.03 26.85
C ARG C 195 -30.62 14.43 26.42
N VAL C 196 -30.16 14.53 25.18
CA VAL C 196 -29.87 15.83 24.64
C VAL C 196 -31.23 16.47 24.46
N VAL C 197 -31.44 17.51 25.24
CA VAL C 197 -32.72 18.14 25.34
C VAL C 197 -32.63 19.49 24.64
N GLY C 198 -31.41 19.91 24.31
CA GLY C 198 -31.23 21.08 23.46
C GLY C 198 -29.79 21.47 23.22
N LEU C 199 -29.61 22.45 22.36
CA LEU C 199 -28.31 23.08 22.15
C LEU C 199 -28.15 24.25 23.12
N LYS C 200 -27.09 24.23 23.92
CA LYS C 200 -26.82 25.40 24.75
C LYS C 200 -26.63 26.60 23.84
N LYS C 201 -25.54 26.59 23.09
CA LYS C 201 -25.29 27.63 22.11
C LYS C 201 -25.47 26.94 20.77
N GLU C 202 -25.50 27.72 19.69
CA GLU C 202 -25.67 27.13 18.38
C GLU C 202 -24.34 26.70 17.78
N ILE C 203 -24.35 25.47 17.26
CA ILE C 203 -23.18 24.85 16.60
C ILE C 203 -22.55 25.77 15.57
N MSE D 7 -11.03 23.57 30.98
CA MSE D 7 -11.03 24.23 29.69
C MSE D 7 -9.66 24.68 29.13
O MSE D 7 -9.51 24.84 27.92
CB MSE D 7 -12.00 25.41 29.66
CG MSE D 7 -12.90 25.39 28.46
SE MSE D 7 -14.21 23.93 28.58
CE MSE D 7 -14.38 23.48 26.68
N ASP D 8 -8.67 24.91 30.00
CA ASP D 8 -7.28 25.02 29.50
C ASP D 8 -6.80 23.62 29.12
N VAL D 9 -6.05 23.52 28.03
CA VAL D 9 -5.53 22.23 27.63
C VAL D 9 -4.08 22.41 27.21
N HIS D 10 -3.23 21.49 27.66
CA HIS D 10 -1.81 21.60 27.37
C HIS D 10 -1.40 20.58 26.32
N VAL D 11 -0.96 21.13 25.19
CA VAL D 11 -0.86 20.39 23.95
C VAL D 11 0.58 20.28 23.51
N LEU D 12 1.08 19.04 23.37
CA LEU D 12 2.43 18.82 22.87
C LEU D 12 2.46 19.25 21.43
N PHE D 13 3.37 20.14 21.09
CA PHE D 13 3.27 20.85 19.82
C PHE D 13 4.59 20.80 19.06
N SER D 14 4.52 20.40 17.80
CA SER D 14 5.73 20.26 17.00
C SER D 14 5.88 21.38 16.02
N GLY D 15 4.77 22.04 15.68
CA GLY D 15 4.78 23.07 14.64
C GLY D 15 4.29 22.56 13.29
N GLY D 16 4.32 21.24 13.10
CA GLY D 16 3.81 20.64 11.88
C GLY D 16 2.33 20.92 11.66
N LYS D 17 1.84 20.67 10.46
CA LYS D 17 0.46 20.99 10.11
C LYS D 17 -0.55 20.10 10.82
N ASP D 18 -0.21 18.83 11.03
CA ASP D 18 -1.10 17.96 11.78
C ASP D 18 -1.04 18.37 13.24
N SER D 19 0.14 18.75 13.71
CA SER D 19 0.26 19.25 15.06
C SER D 19 -0.59 20.53 15.25
N SER D 20 -0.64 21.38 14.22
CA SER D 20 -1.47 22.59 14.27
C SER D 20 -2.94 22.23 14.16
N LEU D 21 -3.25 21.27 13.32
CA LEU D 21 -4.62 20.75 13.22
C LEU D 21 -5.18 20.39 14.58
N SER D 22 -4.40 19.63 15.35
CA SER D 22 -4.86 19.19 16.65
C SER D 22 -5.20 20.36 17.62
N ALA D 23 -4.34 21.37 17.70
CA ALA D 23 -4.62 22.54 18.51
C ALA D 23 -5.87 23.31 18.04
N VAL D 24 -5.94 23.56 16.74
CA VAL D 24 -7.05 24.27 16.15
C VAL D 24 -8.36 23.55 16.44
N ILE D 25 -8.38 22.23 16.27
CA ILE D 25 -9.54 21.42 16.62
C ILE D 25 -9.93 21.65 18.08
N LEU D 26 -8.94 21.56 18.96
CA LEU D 26 -9.20 21.75 20.37
C LEU D 26 -9.83 23.14 20.60
N LYS D 27 -9.21 24.16 20.00
CA LYS D 27 -9.74 25.51 20.04
C LYS D 27 -11.20 25.57 19.55
N LYS D 28 -11.49 24.89 18.44
CA LYS D 28 -12.86 24.79 17.94
C LYS D 28 -13.83 24.00 18.83
N LEU D 29 -13.31 23.18 19.75
CA LEU D 29 -14.18 22.46 20.69
C LEU D 29 -14.34 23.23 22.00
N GLY D 30 -13.78 24.44 22.06
CA GLY D 30 -13.95 25.31 23.21
C GLY D 30 -12.86 25.24 24.27
N TYR D 31 -11.75 24.57 23.96
CA TYR D 31 -10.59 24.59 24.85
C TYR D 31 -9.70 25.83 24.64
N ASN D 32 -8.83 26.10 25.60
CA ASN D 32 -7.82 27.13 25.43
C ASN D 32 -6.46 26.43 25.40
N PRO D 33 -5.91 26.21 24.18
CA PRO D 33 -4.67 25.47 23.94
C PRO D 33 -3.40 26.20 24.42
N HIS D 34 -2.64 25.55 25.29
CA HIS D 34 -1.36 26.05 25.74
C HIS D 34 -0.31 25.11 25.14
N LEU D 35 0.40 25.62 24.13
CA LEU D 35 1.24 24.80 23.29
C LEU D 35 2.56 24.58 23.99
N ILE D 36 3.04 23.34 23.94
CA ILE D 36 4.24 22.95 24.63
C ILE D 36 5.16 22.17 23.72
N THR D 37 6.42 22.60 23.67
CA THR D 37 7.44 21.86 22.95
C THR D 37 8.53 21.46 23.93
N ILE D 38 9.00 20.23 23.79
CA ILE D 38 10.02 19.73 24.69
C ILE D 38 11.41 19.94 24.09
N ASN D 39 12.30 20.51 24.89
CA ASN D 39 13.70 20.63 24.52
C ASN D 39 14.54 19.87 25.53
N PHE D 40 15.64 19.30 25.08
CA PHE D 40 16.48 18.55 26.00
C PHE D 40 17.84 19.22 26.26
N GLY D 41 17.98 20.45 25.76
CA GLY D 41 19.22 21.19 25.93
C GLY D 41 20.34 20.68 25.05
N VAL D 42 20.00 20.31 23.82
CA VAL D 42 20.97 19.82 22.85
C VAL D 42 21.10 20.80 21.68
N ILE D 43 19.97 21.14 21.10
CA ILE D 43 19.90 22.11 20.00
C ILE D 43 18.52 22.75 20.05
N PRO D 44 18.44 24.02 19.62
CA PRO D 44 17.17 24.74 19.71
C PRO D 44 16.19 24.30 18.64
N SER D 45 15.66 23.08 18.76
CA SER D 45 14.79 22.52 17.73
C SER D 45 13.39 23.14 17.73
N TYR D 46 13.07 23.81 18.82
CA TYR D 46 11.75 24.36 19.08
C TYR D 46 11.33 25.58 18.23
N LYS D 47 12.23 26.06 17.39
CA LYS D 47 12.01 27.33 16.66
C LYS D 47 10.81 27.36 15.69
N LEU D 48 10.62 26.29 14.93
CA LEU D 48 9.46 26.18 14.05
C LEU D 48 8.19 26.28 14.90
N ALA D 49 8.14 25.47 15.95
CA ALA D 49 6.97 25.42 16.82
C ALA D 49 6.60 26.80 17.35
N GLU D 50 7.59 27.47 17.94
CA GLU D 50 7.43 28.83 18.46
C GLU D 50 6.77 29.74 17.44
N GLU D 51 7.32 29.75 16.22
CA GLU D 51 6.82 30.59 15.15
C GLU D 51 5.40 30.25 14.73
N THR D 52 5.14 28.97 14.51
CA THR D 52 3.83 28.52 14.10
C THR D 52 2.72 28.87 15.11
N ALA D 53 3.06 28.83 16.39
CA ALA D 53 2.14 29.21 17.45
C ALA D 53 1.69 30.68 17.32
N LYS D 54 2.63 31.57 17.00
CA LYS D 54 2.31 32.98 16.81
C LYS D 54 1.29 33.09 15.68
N ILE D 55 1.54 32.36 14.61
CA ILE D 55 0.61 32.35 13.49
C ILE D 55 -0.76 31.80 13.92
N LEU D 56 -0.77 30.78 14.76
CA LEU D 56 -2.02 30.18 15.23
C LEU D 56 -2.73 31.08 16.24
N GLY D 57 -1.95 31.88 16.94
CA GLY D 57 -2.49 32.74 17.97
C GLY D 57 -2.56 32.03 19.31
N PHE D 58 -1.72 31.03 19.50
CA PHE D 58 -1.72 30.28 20.77
C PHE D 58 -0.47 30.58 21.61
N LYS D 59 -0.63 30.63 22.93
CA LYS D 59 0.51 30.75 23.82
C LYS D 59 1.39 29.51 23.74
N HIS D 60 2.70 29.70 23.88
CA HIS D 60 3.64 28.61 23.66
C HIS D 60 4.72 28.63 24.71
N LYS D 61 5.15 27.44 25.13
CA LYS D 61 6.18 27.33 26.12
C LYS D 61 7.07 26.15 25.79
N VAL D 62 8.37 26.41 25.65
CA VAL D 62 9.31 25.32 25.51
C VAL D 62 9.75 24.90 26.91
N ILE D 63 9.43 23.67 27.30
CA ILE D 63 9.94 23.20 28.57
C ILE D 63 11.12 22.26 28.41
N THR D 64 12.05 22.38 29.34
CA THR D 64 13.35 21.72 29.23
C THR D 64 13.47 20.54 30.19
N LEU D 65 13.89 19.40 29.65
CA LEU D 65 13.97 18.15 30.40
C LEU D 65 15.37 17.55 30.32
N ASP D 66 15.69 16.62 31.21
CA ASP D 66 17.02 15.98 31.23
C ASP D 66 17.53 15.41 29.90
N ARG D 67 18.66 15.93 29.45
CA ARG D 67 19.33 15.43 28.24
C ARG D 67 19.54 13.91 28.31
N LYS D 68 19.66 13.41 29.52
CA LYS D 68 19.72 11.98 29.82
C LYS D 68 18.68 11.21 28.99
N ILE D 69 17.47 11.76 28.95
CA ILE D 69 16.34 11.06 28.36
C ILE D 69 16.63 10.75 26.91
N VAL D 70 17.08 11.76 26.17
CA VAL D 70 17.31 11.57 24.74
C VAL D 70 18.60 10.83 24.46
N GLU D 71 19.61 10.99 25.32
CA GLU D 71 20.83 10.18 25.23
C GLU D 71 20.42 8.73 25.30
N LYS D 72 19.46 8.45 26.17
CA LYS D 72 18.91 7.13 26.36
C LYS D 72 18.09 6.67 25.15
N ALA D 73 17.41 7.61 24.51
CA ALA D 73 16.73 7.30 23.27
C ALA D 73 17.75 6.86 22.24
N ALA D 74 18.77 7.68 22.07
CA ALA D 74 19.85 7.42 21.14
C ALA D 74 20.46 6.01 21.34
N ASP D 75 20.79 5.67 22.58
CA ASP D 75 21.23 4.32 22.91
C ASP D 75 20.28 3.28 22.31
N MSE D 76 18.98 3.55 22.42
CA MSE D 76 17.97 2.58 22.03
C MSE D 76 17.84 2.46 20.52
O MSE D 76 17.55 1.39 19.99
CB MSE D 76 16.62 2.92 22.67
CG MSE D 76 16.60 2.67 24.18
SE MSE D 76 15.04 3.42 25.04
CE MSE D 76 13.82 1.92 24.83
N ILE D 77 18.05 3.59 19.85
CA ILE D 77 18.07 3.61 18.40
C ILE D 77 19.23 2.73 17.94
N ILE D 78 20.38 2.91 18.56
CA ILE D 78 21.56 2.21 18.12
C ILE D 78 21.39 0.72 18.37
N GLU D 79 20.81 0.42 19.52
CA GLU D 79 20.47 -0.95 19.90
C GLU D 79 19.45 -1.67 18.99
N HIS D 80 18.38 -0.98 18.58
CA HIS D 80 17.27 -1.65 17.86
C HIS D 80 17.13 -1.25 16.40
N LYS D 81 17.91 -0.28 15.95
CA LYS D 81 17.76 0.35 14.63
C LYS D 81 16.40 1.03 14.45
N TYR D 82 15.33 0.26 14.57
CA TYR D 82 13.97 0.79 14.55
C TYR D 82 13.81 1.77 15.71
N PRO D 83 13.27 2.96 15.42
CA PRO D 83 13.16 4.00 16.45
C PRO D 83 11.96 3.80 17.38
N GLY D 84 11.05 2.89 17.02
CA GLY D 84 9.85 2.67 17.81
C GLY D 84 10.08 2.65 19.31
N PRO D 85 10.88 1.70 19.79
CA PRO D 85 11.18 1.62 21.23
C PRO D 85 11.64 2.95 21.83
N ALA D 86 12.63 3.61 21.21
CA ALA D 86 13.13 4.90 21.70
C ALA D 86 12.05 5.99 21.73
N ILE D 87 11.30 6.16 20.64
CA ILE D 87 10.20 7.13 20.64
C ILE D 87 9.11 6.81 21.66
N GLN D 88 8.66 5.55 21.74
CA GLN D 88 7.72 5.18 22.80
C GLN D 88 8.22 5.69 24.15
N TYR D 89 9.45 5.34 24.48
CA TYR D 89 10.00 5.68 25.79
C TYR D 89 10.06 7.19 26.06
N VAL D 90 10.57 7.97 25.12
CA VAL D 90 10.67 9.41 25.36
C VAL D 90 9.26 9.98 25.54
N HIS D 91 8.38 9.65 24.60
CA HIS D 91 7.02 10.14 24.63
C HIS D 91 6.25 9.85 25.93
N LYS D 92 6.21 8.59 26.35
CA LYS D 92 5.49 8.26 27.59
C LYS D 92 6.13 8.98 28.76
N THR D 93 7.46 8.93 28.80
CA THR D 93 8.18 9.63 29.83
C THR D 93 7.80 11.10 29.85
N VAL D 94 7.68 11.72 28.68
CA VAL D 94 7.22 13.10 28.64
C VAL D 94 5.82 13.23 29.20
N LEU D 95 4.94 12.29 28.87
CA LEU D 95 3.56 12.31 29.37
C LEU D 95 3.49 12.22 30.89
N GLU D 96 4.21 11.26 31.48
CA GLU D 96 4.22 11.12 32.93
C GLU D 96 4.57 12.44 33.61
N ILE D 97 5.56 13.12 33.06
CA ILE D 97 6.13 14.30 33.70
C ILE D 97 5.17 15.46 33.61
N LEU D 98 4.65 15.68 32.41
CA LEU D 98 3.61 16.69 32.23
C LEU D 98 2.36 16.40 33.07
N ALA D 99 2.03 15.11 33.26
CA ALA D 99 0.82 14.75 34.00
C ALA D 99 0.89 15.13 35.48
N ASP D 100 2.08 15.49 35.94
CA ASP D 100 2.27 15.93 37.32
C ASP D 100 2.04 17.45 37.46
N GLU D 101 1.92 18.15 36.34
CA GLU D 101 1.76 19.60 36.34
C GLU D 101 0.38 19.99 35.84
N TYR D 102 -0.14 19.25 34.84
CA TYR D 102 -1.38 19.62 34.16
C TYR D 102 -2.48 18.57 34.19
N SER D 103 -3.71 19.03 34.35
CA SER D 103 -4.86 18.13 34.43
C SER D 103 -5.37 17.65 33.10
N ILE D 104 -5.25 18.50 32.08
CA ILE D 104 -5.71 18.17 30.75
C ILE D 104 -4.59 18.23 29.73
N LEU D 105 -4.22 17.07 29.21
CA LEU D 105 -3.12 16.94 28.25
C LEU D 105 -3.61 16.56 26.84
N ALA D 106 -2.87 16.97 25.82
CA ALA D 106 -3.18 16.52 24.46
C ALA D 106 -1.93 16.48 23.62
N ASP D 107 -1.95 15.66 22.58
CA ASP D 107 -0.86 15.63 21.63
C ASP D 107 -1.38 15.44 20.20
N GLY D 108 -0.48 15.14 19.25
CA GLY D 108 -0.84 15.04 17.85
C GLY D 108 -0.82 13.65 17.22
N THR D 109 -0.79 12.61 18.04
CA THR D 109 -0.87 11.23 17.57
C THR D 109 -2.05 11.06 16.63
N ARG D 110 -1.81 10.47 15.45
CA ARG D 110 -2.84 10.29 14.45
C ARG D 110 -3.21 8.83 14.27
N ARG D 111 -4.41 8.60 13.75
CA ARG D 111 -4.86 7.25 13.44
C ARG D 111 -3.77 6.46 12.73
N ASP D 112 -3.09 7.07 11.75
CA ASP D 112 -2.15 6.31 10.93
C ASP D 112 -0.77 6.02 11.56
N ASP D 113 -0.46 6.65 12.69
CA ASP D 113 0.83 6.41 13.36
C ASP D 113 0.84 5.10 14.09
N ARG D 114 1.97 4.41 14.05
CA ARG D 114 2.13 3.23 14.88
C ARG D 114 2.94 3.62 16.10
N VAL D 115 3.67 4.72 16.00
CA VAL D 115 4.52 5.18 17.09
C VAL D 115 4.81 6.66 16.94
N PRO D 116 4.66 7.42 18.04
CA PRO D 116 4.28 6.87 19.34
C PRO D 116 2.78 6.73 19.48
N LYS D 117 2.38 5.86 20.40
CA LYS D 117 1.01 5.87 20.90
C LYS D 117 0.89 5.00 22.15
N LEU D 118 0.21 5.55 23.15
CA LEU D 118 -0.14 4.78 24.31
C LEU D 118 -1.18 3.73 23.89
N SER D 119 -1.02 2.50 24.36
CA SER D 119 -2.11 1.54 24.21
C SER D 119 -3.29 1.95 25.09
N TYR D 120 -4.36 1.18 25.05
CA TYR D 120 -5.56 1.48 25.80
C TYR D 120 -5.36 1.32 27.32
N SER D 121 -4.64 0.28 27.74
CA SER D 121 -4.42 0.08 29.15
C SER D 121 -3.43 1.12 29.70
N GLU D 122 -2.41 1.47 28.93
CA GLU D 122 -1.54 2.59 29.32
C GLU D 122 -2.33 3.88 29.55
N ILE D 123 -3.28 4.16 28.67
CA ILE D 123 -4.08 5.37 28.78
C ILE D 123 -4.97 5.30 30.01
N GLN D 124 -5.71 4.21 30.14
CA GLN D 124 -6.52 3.99 31.32
C GLN D 124 -5.71 4.23 32.58
N SER D 125 -4.51 3.67 32.61
CA SER D 125 -3.64 3.78 33.78
C SER D 125 -3.27 5.25 34.07
N LEU D 126 -2.85 5.96 33.04
CA LEU D 126 -2.31 7.30 33.21
C LEU D 126 -3.37 8.22 33.77
N GLU D 127 -4.57 8.09 33.22
CA GLU D 127 -5.67 8.95 33.63
C GLU D 127 -6.13 8.66 35.04
N MSE D 128 -5.88 7.43 35.48
CA MSE D 128 -6.32 6.99 36.79
C MSE D 128 -5.24 7.31 37.80
O MSE D 128 -5.53 7.84 38.88
CB MSE D 128 -6.63 5.49 36.80
CG MSE D 128 -6.95 4.92 38.20
SE MSE D 128 -8.57 5.66 39.06
CE MSE D 128 -9.95 5.03 37.82
N ARG D 129 -4.00 7.01 37.47
CA ARG D 129 -2.89 7.31 38.37
C ARG D 129 -2.76 8.83 38.61
N LYS D 130 -3.01 9.62 37.57
CA LYS D 130 -2.64 11.02 37.64
C LYS D 130 -3.83 11.95 37.67
N ASN D 131 -5.03 11.39 37.59
CA ASN D 131 -6.23 12.22 37.51
C ASN D 131 -6.13 13.28 36.39
N ILE D 132 -5.76 12.86 35.19
CA ILE D 132 -5.82 13.75 34.03
C ILE D 132 -6.73 13.23 32.94
N GLN D 133 -7.03 14.11 32.00
CA GLN D 133 -7.67 13.73 30.75
C GLN D 133 -6.60 13.78 29.67
N TYR D 134 -6.45 12.67 28.96
CA TYR D 134 -5.52 12.58 27.88
C TYR D 134 -6.34 12.63 26.60
N ILE D 135 -6.05 13.61 25.76
CA ILE D 135 -6.84 13.85 24.57
C ILE D 135 -5.98 13.71 23.32
N THR D 136 -6.38 12.81 22.42
CA THR D 136 -5.72 12.70 21.11
C THR D 136 -6.72 12.96 19.96
N PRO D 137 -6.98 14.24 19.68
CA PRO D 137 -8.03 14.63 18.73
C PRO D 137 -7.84 14.06 17.32
N LEU D 138 -6.61 13.93 16.81
CA LEU D 138 -6.40 13.38 15.47
C LEU D 138 -6.54 11.82 15.36
N MSE D 139 -6.83 11.17 16.48
CA MSE D 139 -6.82 9.71 16.53
C MSE D 139 -7.86 9.07 15.61
O MSE D 139 -7.61 8.04 15.01
CB MSE D 139 -6.97 9.20 17.97
CG MSE D 139 -6.80 7.69 18.12
SE MSE D 139 -5.03 6.95 17.62
CE MSE D 139 -3.97 8.18 18.64
N GLY D 140 -9.02 9.70 15.49
CA GLY D 140 -10.05 9.15 14.62
C GLY D 140 -9.94 9.61 13.19
N PHE D 141 -8.84 10.25 12.81
CA PHE D 141 -8.73 10.82 11.47
C PHE D 141 -7.58 10.26 10.66
N GLY D 142 -7.90 9.69 9.50
CA GLY D 142 -6.91 9.17 8.57
C GLY D 142 -6.20 10.24 7.76
N TYR D 143 -5.05 9.87 7.21
CA TYR D 143 -4.26 10.77 6.36
C TYR D 143 -5.09 11.64 5.40
N LYS D 144 -6.09 11.04 4.74
CA LYS D 144 -6.85 11.73 3.70
C LYS D 144 -7.67 12.84 4.32
N THR D 145 -8.35 12.53 5.40
CA THR D 145 -9.17 13.48 6.09
C THR D 145 -8.30 14.62 6.61
N LEU D 146 -7.27 14.29 7.39
CA LEU D 146 -6.35 15.32 7.89
C LEU D 146 -5.89 16.22 6.74
N ARG D 147 -5.67 15.60 5.58
CA ARG D 147 -5.18 16.37 4.44
C ARG D 147 -6.22 17.39 4.03
N HIS D 148 -7.48 16.96 3.95
CA HIS D 148 -8.55 17.88 3.56
C HIS D 148 -8.69 19.02 4.58
N LEU D 149 -8.56 18.67 5.85
CA LEU D 149 -8.73 19.61 6.95
C LEU D 149 -7.61 20.64 7.05
N ALA D 150 -6.38 20.24 6.76
CA ALA D 150 -5.28 21.21 6.77
C ALA D 150 -5.54 22.21 5.66
N SER D 151 -5.79 21.69 4.46
CA SER D 151 -6.00 22.56 3.32
C SER D 151 -7.13 23.54 3.62
N GLU D 152 -8.06 23.15 4.49
CA GLU D 152 -9.19 24.03 4.77
C GLU D 152 -8.79 25.17 5.67
N PHE D 153 -8.06 24.85 6.75
CA PHE D 153 -7.78 25.84 7.79
C PHE D 153 -6.51 26.65 7.54
N PHE D 154 -5.60 26.15 6.71
CA PHE D 154 -4.27 26.73 6.70
C PHE D 154 -3.79 27.10 5.32
N ILE D 155 -2.97 28.15 5.28
CA ILE D 155 -2.11 28.41 4.14
C ILE D 155 -0.81 27.66 4.39
N LEU D 156 -0.41 26.85 3.41
CA LEU D 156 0.70 25.90 3.54
C LEU D 156 1.84 26.23 2.57
N GLU D 157 2.99 25.59 2.78
CA GLU D 157 4.23 25.95 2.10
C GLU D 157 5.33 24.93 2.40
N GLU D 158 6.43 24.99 1.66
CA GLU D 158 7.53 24.04 1.89
C GLU D 158 8.71 24.68 2.64
N ILE D 159 9.17 24.01 3.69
CA ILE D 159 10.25 24.54 4.53
C ILE D 159 11.52 24.82 3.74
N SER D 166 11.33 18.34 12.35
CA SER D 166 11.12 19.66 12.95
C SER D 166 11.26 19.63 14.47
N SER D 167 10.28 20.19 15.17
CA SER D 167 10.41 20.43 16.60
C SER D 167 10.09 19.23 17.50
N ASP D 168 9.69 18.10 16.91
CA ASP D 168 9.53 16.87 17.68
C ASP D 168 10.89 16.36 18.18
N TYR D 169 10.87 15.31 19.00
CA TYR D 169 12.05 14.81 19.69
C TYR D 169 13.22 14.43 18.78
N GLU D 170 12.89 14.19 17.51
CA GLU D 170 13.81 13.61 16.56
C GLU D 170 15.00 14.54 16.25
N ALA D 171 14.70 15.80 15.99
CA ALA D 171 15.75 16.77 15.69
C ALA D 171 16.92 16.59 16.65
N GLU D 172 16.62 16.56 17.94
CA GLU D 172 17.67 16.46 18.94
C GLU D 172 18.34 15.09 18.98
N ILE D 173 17.53 14.03 19.06
CA ILE D 173 18.05 12.67 19.00
C ILE D 173 19.01 12.49 17.81
N ARG D 174 18.56 12.91 16.63
CA ARG D 174 19.41 12.89 15.45
C ARG D 174 20.78 13.51 15.78
N HIS D 175 20.77 14.61 16.51
CA HIS D 175 22.00 15.35 16.78
C HIS D 175 22.97 14.58 17.67
N ILE D 176 22.42 13.97 18.72
CA ILE D 176 23.20 13.09 19.59
C ILE D 176 23.83 11.92 18.81
N LEU D 177 23.08 11.33 17.89
CA LEU D 177 23.64 10.28 17.04
C LEU D 177 24.77 10.88 16.24
N LYS D 178 24.55 12.12 15.78
CA LYS D 178 25.53 12.85 15.00
C LYS D 178 26.79 13.06 15.82
N GLU D 179 26.62 13.51 17.07
CA GLU D 179 27.75 13.69 17.96
C GLU D 179 28.53 12.39 18.11
N ARG D 180 27.82 11.28 18.07
CA ARG D 180 28.45 9.98 18.36
C ARG D 180 29.14 9.38 17.13
N GLY D 181 28.95 10.01 15.98
CA GLY D 181 29.55 9.53 14.75
C GLY D 181 28.68 8.54 14.00
N GLU D 182 27.42 8.46 14.40
CA GLU D 182 26.45 7.70 13.63
C GLU D 182 25.98 8.55 12.47
N SER D 183 25.34 7.92 11.48
CA SER D 183 24.69 8.65 10.41
C SER D 183 23.19 8.56 10.64
N PRO D 184 22.59 9.64 11.16
CA PRO D 184 21.19 9.65 11.60
C PRO D 184 20.24 9.12 10.53
N GLU D 185 20.63 9.30 9.26
CA GLU D 185 19.85 8.84 8.13
C GLU D 185 19.68 7.33 8.07
N LYS D 186 20.43 6.61 8.90
CA LYS D 186 20.35 5.15 8.92
C LYS D 186 19.20 4.70 9.81
N TYR D 187 18.64 5.62 10.58
CA TYR D 187 17.62 5.23 11.53
C TYR D 187 16.29 5.95 11.31
N PHE D 188 16.34 7.10 10.67
CA PHE D 188 15.12 7.89 10.48
C PHE D 188 14.66 8.06 9.04
N PRO D 189 13.40 7.66 8.77
CA PRO D 189 12.73 7.86 7.48
C PRO D 189 12.51 9.34 7.22
N GLU D 190 11.80 9.68 6.14
CA GLU D 190 11.69 11.08 5.72
C GLU D 190 10.40 11.79 6.13
N HIS D 191 10.51 13.07 6.42
CA HIS D 191 9.37 13.87 6.83
C HIS D 191 9.00 14.92 5.80
N LYS D 192 7.72 15.27 5.78
CA LYS D 192 7.19 16.20 4.81
C LYS D 192 7.39 17.64 5.26
N GLN D 193 8.35 18.31 4.62
CA GLN D 193 8.70 19.67 4.98
C GLN D 193 7.61 20.66 4.58
N THR D 194 6.47 20.55 5.25
CA THR D 194 5.33 21.44 5.01
C THR D 194 5.04 22.33 6.21
N ARG D 195 4.90 23.62 5.94
CA ARG D 195 4.83 24.61 7.00
C ARG D 195 3.48 25.26 6.98
N VAL D 196 3.04 25.72 8.14
CA VAL D 196 1.82 26.50 8.22
C VAL D 196 2.21 27.98 8.22
N VAL D 197 1.89 28.67 7.14
CA VAL D 197 2.29 30.05 6.98
C VAL D 197 1.18 31.02 7.36
N GLY D 198 -0.05 30.54 7.37
CA GLY D 198 -1.17 31.36 7.78
C GLY D 198 -2.42 30.59 8.15
N LEU D 199 -3.27 31.24 8.93
CA LEU D 199 -4.62 30.76 9.11
C LEU D 199 -5.36 31.04 7.83
N LYS D 200 -6.02 30.03 7.29
CA LYS D 200 -6.76 30.24 6.05
C LYS D 200 -8.05 31.02 6.31
N LYS D 201 -8.59 30.93 7.53
CA LYS D 201 -9.75 31.74 7.83
C LYS D 201 -9.89 32.26 9.26
N GLU D 202 -10.25 31.39 10.19
CA GLU D 202 -10.95 31.86 11.38
C GLU D 202 -10.53 31.19 12.68
N ILE D 203 -10.28 29.90 12.61
CA ILE D 203 -10.23 29.05 13.79
C ILE D 203 -11.54 29.16 14.57
N MSE E 7 28.25 -24.90 -8.47
CA MSE E 7 26.98 -24.17 -8.49
C MSE E 7 27.21 -22.69 -8.16
O MSE E 7 27.19 -22.29 -7.00
CB MSE E 7 25.96 -24.82 -7.55
CG MSE E 7 24.55 -24.25 -7.70
SE MSE E 7 23.99 -23.96 -9.57
CE MSE E 7 22.87 -25.55 -9.84
N ASP E 8 27.42 -21.90 -9.21
CA ASP E 8 27.91 -20.55 -9.07
C ASP E 8 26.85 -19.54 -8.69
N VAL E 9 27.24 -18.56 -7.87
CA VAL E 9 26.36 -17.44 -7.55
C VAL E 9 27.12 -16.09 -7.52
N HIS E 10 26.51 -15.06 -8.05
CA HIS E 10 27.22 -13.79 -8.20
C HIS E 10 26.65 -12.77 -7.25
N VAL E 11 27.48 -12.35 -6.30
CA VAL E 11 27.04 -11.61 -5.13
C VAL E 11 27.50 -10.16 -5.12
N LEU E 12 26.55 -9.25 -5.31
CA LEU E 12 26.81 -7.83 -5.13
C LEU E 12 27.39 -7.62 -3.74
N PHE E 13 28.57 -7.02 -3.70
CA PHE E 13 29.40 -7.03 -2.50
C PHE E 13 29.93 -5.64 -2.17
N SER E 14 29.68 -5.18 -0.95
CA SER E 14 30.13 -3.87 -0.52
C SER E 14 31.39 -3.96 0.33
N GLY E 15 31.72 -5.16 0.77
CA GLY E 15 32.84 -5.36 1.67
C GLY E 15 32.46 -5.32 3.14
N GLY E 16 31.27 -4.80 3.45
CA GLY E 16 30.85 -4.63 4.82
C GLY E 16 30.59 -5.92 5.57
N LYS E 17 30.38 -5.83 6.88
CA LYS E 17 30.20 -7.00 7.71
C LYS E 17 28.94 -7.78 7.29
N ASP E 18 27.83 -7.06 7.07
CA ASP E 18 26.60 -7.69 6.62
C ASP E 18 26.75 -8.29 5.23
N SER E 19 27.36 -7.53 4.32
CA SER E 19 27.62 -8.02 2.97
C SER E 19 28.45 -9.31 3.02
N SER E 20 29.40 -9.36 3.95
CA SER E 20 30.21 -10.55 4.15
C SER E 20 29.37 -11.76 4.56
N LEU E 21 28.52 -11.54 5.58
CA LEU E 21 27.61 -12.56 6.03
C LEU E 21 26.81 -13.18 4.88
N SER E 22 26.22 -12.32 4.06
CA SER E 22 25.46 -12.79 2.93
C SER E 22 26.35 -13.75 2.14
N ALA E 23 27.59 -13.33 1.91
CA ALA E 23 28.54 -14.16 1.18
C ALA E 23 28.73 -15.48 1.87
N VAL E 24 28.92 -15.42 3.18
CA VAL E 24 29.24 -16.59 4.01
C VAL E 24 28.10 -17.61 4.06
N ILE E 25 26.89 -17.11 4.21
CA ILE E 25 25.71 -17.95 4.22
C ILE E 25 25.63 -18.78 2.95
N LEU E 26 25.75 -18.10 1.80
CA LEU E 26 25.75 -18.76 0.50
C LEU E 26 26.82 -19.84 0.43
N LYS E 27 27.98 -19.55 0.99
CA LYS E 27 29.09 -20.48 0.93
C LYS E 27 28.75 -21.72 1.75
N LYS E 28 28.31 -21.49 2.97
CA LYS E 28 27.85 -22.59 3.82
C LYS E 28 26.67 -23.39 3.22
N LEU E 29 25.95 -22.79 2.29
CA LEU E 29 24.78 -23.44 1.73
C LEU E 29 25.14 -24.32 0.56
N GLY E 30 26.40 -24.19 0.10
CA GLY E 30 26.92 -25.07 -0.93
C GLY E 30 27.24 -24.35 -2.22
N TYR E 31 26.99 -23.05 -2.23
CA TYR E 31 27.23 -22.26 -3.44
C TYR E 31 28.70 -21.89 -3.56
N ASN E 32 29.16 -21.76 -4.80
CA ASN E 32 30.45 -21.17 -5.05
C ASN E 32 30.23 -19.68 -5.33
N PRO E 33 30.61 -18.82 -4.38
CA PRO E 33 30.22 -17.40 -4.39
C PRO E 33 31.23 -16.49 -5.07
N HIS E 34 30.85 -15.94 -6.23
CA HIS E 34 31.68 -15.00 -6.99
C HIS E 34 31.34 -13.55 -6.63
N LEU E 35 32.23 -12.93 -5.86
CA LEU E 35 31.98 -11.57 -5.37
C LEU E 35 32.13 -10.51 -6.45
N ILE E 36 31.12 -9.65 -6.55
CA ILE E 36 31.19 -8.52 -7.46
C ILE E 36 31.00 -7.18 -6.76
N THR E 37 31.90 -6.24 -7.02
CA THR E 37 31.74 -4.86 -6.56
C THR E 37 31.61 -3.94 -7.75
N ILE E 38 30.63 -3.06 -7.73
CA ILE E 38 30.40 -2.18 -8.87
C ILE E 38 31.17 -0.87 -8.75
N ASN E 39 31.77 -0.44 -9.87
CA ASN E 39 32.44 0.84 -9.94
C ASN E 39 31.99 1.63 -11.15
N PHE E 40 31.81 2.94 -10.98
CA PHE E 40 31.32 3.83 -12.04
C PHE E 40 32.40 4.70 -12.67
N GLY E 41 33.64 4.53 -12.21
CA GLY E 41 34.76 5.23 -12.85
C GLY E 41 34.98 6.63 -12.32
N VAL E 42 34.21 7.01 -11.30
CA VAL E 42 34.35 8.32 -10.70
C VAL E 42 35.58 8.34 -9.77
N ILE E 43 35.52 7.54 -8.70
CA ILE E 43 36.70 7.28 -7.88
C ILE E 43 36.80 5.77 -7.65
N PRO E 44 37.99 5.28 -7.25
CA PRO E 44 38.21 3.85 -6.98
C PRO E 44 37.88 3.46 -5.54
N SER E 45 36.58 3.45 -5.21
CA SER E 45 36.13 3.14 -3.86
C SER E 45 35.86 1.65 -3.68
N TYR E 46 36.42 0.84 -4.57
CA TYR E 46 36.24 -0.61 -4.51
C TYR E 46 37.40 -1.31 -3.77
N LYS E 47 38.30 -0.52 -3.20
CA LYS E 47 39.50 -1.06 -2.59
C LYS E 47 39.16 -1.88 -1.36
N LEU E 48 38.24 -1.36 -0.57
CA LEU E 48 37.81 -2.00 0.68
C LEU E 48 37.29 -3.41 0.43
N ALA E 49 36.44 -3.57 -0.58
CA ALA E 49 35.77 -4.85 -0.82
C ALA E 49 36.74 -5.90 -1.35
N GLU E 50 37.71 -5.46 -2.14
CA GLU E 50 38.73 -6.38 -2.64
C GLU E 50 39.51 -6.93 -1.47
N GLU E 51 39.74 -6.08 -0.47
CA GLU E 51 40.54 -6.46 0.69
C GLU E 51 39.85 -7.52 1.53
N THR E 52 38.63 -7.23 1.96
CA THR E 52 37.90 -8.17 2.79
C THR E 52 37.56 -9.46 2.02
N ALA E 53 37.45 -9.35 0.69
CA ALA E 53 37.21 -10.53 -0.14
C ALA E 53 38.39 -11.49 -0.08
N LYS E 54 39.60 -10.94 -0.04
CA LYS E 54 40.79 -11.76 0.18
C LYS E 54 40.75 -12.38 1.57
N ILE E 55 40.29 -11.60 2.54
CA ILE E 55 40.14 -12.10 3.90
C ILE E 55 39.13 -13.26 3.95
N LEU E 56 37.98 -13.06 3.30
CA LEU E 56 36.94 -14.09 3.21
C LEU E 56 37.43 -15.29 2.41
N GLY E 57 38.34 -15.04 1.48
CA GLY E 57 38.85 -16.07 0.60
C GLY E 57 37.91 -16.40 -0.54
N PHE E 58 37.21 -15.40 -1.06
CA PHE E 58 36.26 -15.59 -2.15
C PHE E 58 36.76 -14.92 -3.41
N LYS E 59 36.40 -15.48 -4.56
CA LYS E 59 36.69 -14.84 -5.84
C LYS E 59 36.07 -13.45 -5.87
N HIS E 60 36.76 -12.49 -6.47
CA HIS E 60 36.24 -11.12 -6.55
C HIS E 60 36.55 -10.43 -7.88
N LYS E 61 35.57 -9.70 -8.43
CA LYS E 61 35.78 -8.90 -9.64
C LYS E 61 35.22 -7.51 -9.37
N VAL E 62 35.80 -6.49 -9.99
CA VAL E 62 35.10 -5.21 -10.03
C VAL E 62 34.53 -4.98 -11.41
N ILE E 63 33.29 -4.56 -11.46
CA ILE E 63 32.61 -4.32 -12.73
C ILE E 63 32.33 -2.83 -12.86
N THR E 64 32.77 -2.26 -13.96
CA THR E 64 32.63 -0.84 -14.19
C THR E 64 31.41 -0.60 -15.06
N LEU E 65 30.58 0.33 -14.62
CA LEU E 65 29.36 0.69 -15.32
C LEU E 65 29.42 2.18 -15.65
N ASP E 66 28.58 2.59 -16.60
CA ASP E 66 28.59 3.95 -17.09
C ASP E 66 28.38 4.95 -15.95
N ARG E 67 29.24 5.95 -15.91
CA ARG E 67 29.14 7.06 -14.98
C ARG E 67 27.74 7.68 -14.96
N LYS E 68 26.99 7.53 -16.03
CA LYS E 68 25.70 8.22 -16.10
C LYS E 68 24.62 7.68 -15.16
N ILE E 69 24.84 6.47 -14.65
CA ILE E 69 23.92 5.94 -13.66
C ILE E 69 23.97 6.77 -12.39
N VAL E 70 25.16 7.08 -11.93
CA VAL E 70 25.33 7.85 -10.70
C VAL E 70 25.11 9.36 -10.89
N GLU E 71 25.23 9.86 -12.13
CA GLU E 71 24.88 11.24 -12.38
C GLU E 71 23.39 11.41 -12.21
N LYS E 72 22.64 10.48 -12.80
CA LYS E 72 21.19 10.49 -12.68
C LYS E 72 20.84 10.39 -11.20
N ALA E 73 21.57 9.54 -10.49
CA ALA E 73 21.41 9.43 -9.05
C ALA E 73 21.60 10.77 -8.34
N ALA E 74 22.73 11.43 -8.63
CA ALA E 74 23.00 12.75 -8.07
C ALA E 74 21.87 13.71 -8.40
N ASP E 75 21.44 13.71 -9.66
CA ASP E 75 20.29 14.52 -10.05
C ASP E 75 19.13 14.26 -9.11
N MSE E 76 18.78 12.98 -8.95
CA MSE E 76 17.61 12.60 -8.18
C MSE E 76 17.75 12.97 -6.73
O MSE E 76 16.76 13.29 -6.06
CB MSE E 76 17.34 11.11 -8.31
CG MSE E 76 17.15 10.66 -9.71
SE MSE E 76 16.85 8.74 -9.75
CE MSE E 76 15.44 8.65 -8.38
N ILE E 77 18.97 12.93 -6.22
CA ILE E 77 19.20 13.27 -4.83
C ILE E 77 18.98 14.74 -4.57
N ILE E 78 19.33 15.58 -5.54
CA ILE E 78 19.15 17.01 -5.41
C ILE E 78 17.68 17.37 -5.51
N GLU E 79 16.98 16.72 -6.43
CA GLU E 79 15.56 16.93 -6.61
C GLU E 79 14.79 16.50 -5.38
N HIS E 80 15.02 15.27 -4.95
CA HIS E 80 14.30 14.69 -3.83
C HIS E 80 14.75 15.23 -2.48
N LYS E 81 15.93 15.86 -2.46
CA LYS E 81 16.45 16.40 -1.21
C LYS E 81 16.73 15.31 -0.21
N TYR E 82 16.68 14.06 -0.67
CA TYR E 82 17.10 12.92 0.14
C TYR E 82 17.40 11.71 -0.75
N PRO E 83 18.34 10.85 -0.32
CA PRO E 83 19.01 9.91 -1.23
C PRO E 83 18.17 8.69 -1.58
N GLY E 84 17.28 8.32 -0.68
CA GLY E 84 16.47 7.13 -0.80
C GLY E 84 16.20 6.60 -2.20
N PRO E 85 15.38 7.33 -2.97
CA PRO E 85 14.97 6.98 -4.34
C PRO E 85 16.16 6.77 -5.30
N ALA E 86 17.19 7.57 -5.13
CA ALA E 86 18.39 7.51 -5.95
C ALA E 86 19.15 6.21 -5.71
N ILE E 87 19.23 5.79 -4.45
CA ILE E 87 19.96 4.57 -4.13
C ILE E 87 19.19 3.41 -4.70
N GLN E 88 17.90 3.40 -4.41
CA GLN E 88 16.96 2.47 -4.99
C GLN E 88 17.21 2.39 -6.49
N TYR E 89 17.31 3.55 -7.14
CA TYR E 89 17.51 3.62 -8.58
C TYR E 89 18.79 2.91 -9.05
N VAL E 90 19.91 3.14 -8.38
CA VAL E 90 21.14 2.48 -8.78
C VAL E 90 21.04 0.97 -8.62
N HIS E 91 20.58 0.50 -7.47
CA HIS E 91 20.55 -0.94 -7.24
C HIS E 91 19.72 -1.64 -8.30
N LYS E 92 18.53 -1.11 -8.56
CA LYS E 92 17.66 -1.71 -9.57
C LYS E 92 18.35 -1.72 -10.93
N THR E 93 18.99 -0.61 -11.25
CA THR E 93 19.69 -0.44 -12.52
C THR E 93 20.83 -1.43 -12.70
N VAL E 94 21.65 -1.55 -11.66
CA VAL E 94 22.73 -2.52 -11.66
C VAL E 94 22.21 -3.95 -11.80
N LEU E 95 21.16 -4.30 -11.05
CA LEU E 95 20.62 -5.67 -11.10
C LEU E 95 20.09 -6.03 -12.47
N GLU E 96 19.38 -5.09 -13.11
CA GLU E 96 18.99 -5.28 -14.50
C GLU E 96 20.18 -5.70 -15.36
N ILE E 97 21.25 -4.91 -15.31
CA ILE E 97 22.43 -5.14 -16.15
C ILE E 97 23.11 -6.47 -15.87
N LEU E 98 23.30 -6.79 -14.60
CA LEU E 98 23.97 -8.03 -14.23
C LEU E 98 23.09 -9.24 -14.53
N ALA E 99 21.78 -9.03 -14.47
CA ALA E 99 20.84 -10.12 -14.73
C ALA E 99 20.89 -10.54 -16.19
N ASP E 100 21.63 -9.78 -17.00
CA ASP E 100 21.88 -10.13 -18.40
C ASP E 100 23.04 -11.12 -18.56
N GLU E 101 24.03 -11.04 -17.66
CA GLU E 101 25.19 -11.92 -17.71
C GLU E 101 25.06 -13.14 -16.79
N TYR E 102 24.51 -12.94 -15.60
CA TYR E 102 24.52 -13.97 -14.56
C TYR E 102 23.13 -14.52 -14.25
N SER E 103 23.02 -15.83 -14.10
CA SER E 103 21.71 -16.47 -13.89
C SER E 103 21.32 -16.64 -12.41
N ILE E 104 22.23 -16.37 -11.49
CA ILE E 104 21.93 -16.41 -10.07
C ILE E 104 22.54 -15.22 -9.32
N LEU E 105 21.66 -14.34 -8.85
CA LEU E 105 22.09 -13.10 -8.24
C LEU E 105 21.80 -13.09 -6.73
N ALA E 106 22.71 -12.48 -5.99
CA ALA E 106 22.53 -12.30 -4.59
C ALA E 106 23.17 -10.99 -4.24
N ASP E 107 22.68 -10.38 -3.16
CA ASP E 107 23.24 -9.14 -2.65
C ASP E 107 22.96 -9.10 -1.16
N GLY E 108 23.24 -7.96 -0.52
CA GLY E 108 23.18 -7.86 0.93
C GLY E 108 21.93 -7.23 1.51
N THR E 109 20.85 -7.18 0.74
CA THR E 109 19.61 -6.60 1.25
C THR E 109 19.13 -7.31 2.51
N ARG E 110 18.59 -6.55 3.45
CA ARG E 110 18.30 -7.07 4.80
C ARG E 110 16.94 -6.65 5.29
N ARG E 111 16.43 -7.37 6.28
CA ARG E 111 15.10 -7.11 6.78
C ARG E 111 14.98 -5.66 7.15
N ASP E 112 15.88 -5.22 8.03
CA ASP E 112 15.70 -3.93 8.70
C ASP E 112 16.42 -2.77 8.06
N ASP E 113 16.64 -2.84 6.74
CA ASP E 113 17.20 -1.70 6.01
C ASP E 113 16.32 -1.32 4.83
N ARG E 114 15.86 -0.08 4.83
CA ARG E 114 14.84 0.41 3.90
C ARG E 114 15.27 0.41 2.44
N VAL E 115 16.47 0.93 2.16
CA VAL E 115 17.03 0.91 0.80
C VAL E 115 18.48 0.40 0.85
N PRO E 116 18.92 -0.27 -0.21
CA PRO E 116 18.07 -0.63 -1.34
C PRO E 116 17.26 -1.87 -0.98
N LYS E 117 16.22 -2.13 -1.75
CA LYS E 117 15.33 -3.26 -1.48
C LYS E 117 14.26 -3.33 -2.54
N LEU E 118 14.17 -4.49 -3.18
CA LEU E 118 13.15 -4.70 -4.18
C LEU E 118 11.85 -5.04 -3.48
N SER E 119 10.75 -4.59 -4.07
CA SER E 119 9.46 -5.10 -3.63
C SER E 119 9.30 -6.52 -4.18
N TYR E 120 8.34 -7.25 -3.63
CA TYR E 120 7.99 -8.57 -4.13
C TYR E 120 7.65 -8.51 -5.62
N SER E 121 6.85 -7.51 -5.98
CA SER E 121 6.56 -7.26 -7.39
C SER E 121 7.84 -7.19 -8.21
N GLU E 122 8.75 -6.29 -7.82
CA GLU E 122 10.00 -6.16 -8.55
C GLU E 122 10.82 -7.46 -8.57
N ILE E 123 10.77 -8.24 -7.49
CA ILE E 123 11.52 -9.49 -7.51
C ILE E 123 10.99 -10.44 -8.56
N GLN E 124 9.67 -10.66 -8.54
CA GLN E 124 9.04 -11.51 -9.54
C GLN E 124 9.32 -10.99 -10.93
N SER E 125 9.12 -9.69 -11.13
CA SER E 125 9.39 -9.06 -12.43
C SER E 125 10.80 -9.35 -12.89
N LEU E 126 11.77 -9.05 -12.02
CA LEU E 126 13.17 -9.36 -12.32
C LEU E 126 13.34 -10.83 -12.73
N GLU E 127 13.02 -11.75 -11.84
CA GLU E 127 13.25 -13.16 -12.11
C GLU E 127 12.57 -13.60 -13.40
N MSE E 128 11.36 -13.10 -13.62
CA MSE E 128 10.56 -13.50 -14.78
C MSE E 128 11.06 -12.92 -16.09
O MSE E 128 11.06 -13.59 -17.12
CB MSE E 128 9.10 -13.11 -14.58
CG MSE E 128 8.24 -13.28 -15.81
SE MSE E 128 6.46 -12.52 -15.54
CE MSE E 128 6.25 -13.03 -13.71
N ARG E 129 11.49 -11.65 -16.06
CA ARG E 129 11.96 -11.00 -17.29
C ARG E 129 13.35 -11.46 -17.72
N LYS E 130 14.23 -11.74 -16.77
CA LYS E 130 15.61 -12.11 -17.11
C LYS E 130 15.86 -13.60 -16.91
N ASN E 131 14.83 -14.32 -16.49
CA ASN E 131 14.96 -15.75 -16.20
C ASN E 131 16.13 -16.11 -15.25
N ILE E 132 16.19 -15.47 -14.09
CA ILE E 132 17.26 -15.71 -13.14
C ILE E 132 16.72 -15.99 -11.75
N GLN E 133 17.59 -16.51 -10.89
CA GLN E 133 17.26 -16.62 -9.49
C GLN E 133 17.81 -15.41 -8.73
N TYR E 134 16.97 -14.80 -7.91
CA TYR E 134 17.41 -13.67 -7.10
C TYR E 134 17.32 -14.06 -5.62
N ILE E 135 18.47 -14.07 -4.96
CA ILE E 135 18.59 -14.55 -3.59
C ILE E 135 19.05 -13.43 -2.68
N THR E 136 18.32 -13.18 -1.60
CA THR E 136 18.78 -12.19 -0.64
C THR E 136 18.81 -12.80 0.76
N PRO E 137 19.89 -13.53 1.06
CA PRO E 137 20.09 -14.28 2.30
C PRO E 137 19.70 -13.53 3.58
N LEU E 138 20.05 -12.26 3.71
CA LEU E 138 19.82 -11.55 4.97
C LEU E 138 18.37 -11.05 5.12
N MSE E 139 17.51 -11.32 4.15
CA MSE E 139 16.20 -10.72 4.14
C MSE E 139 15.34 -11.09 5.35
O MSE E 139 14.43 -10.33 5.72
CB MSE E 139 15.45 -11.01 2.84
CG MSE E 139 14.10 -10.32 2.77
SE MSE E 139 14.22 -8.38 3.04
CE MSE E 139 15.00 -7.93 1.34
N GLY E 140 15.62 -12.24 5.97
CA GLY E 140 14.81 -12.66 7.11
C GLY E 140 15.54 -12.56 8.43
N PHE E 141 16.67 -11.87 8.41
CA PHE E 141 17.49 -11.72 9.60
C PHE E 141 17.48 -10.26 10.05
N GLY E 142 16.94 -10.01 11.23
CA GLY E 142 16.89 -8.67 11.77
C GLY E 142 18.24 -8.07 12.17
N TYR E 143 18.28 -6.74 12.16
CA TYR E 143 19.43 -5.96 12.59
C TYR E 143 20.14 -6.52 13.83
N LYS E 144 19.37 -6.89 14.85
CA LYS E 144 19.97 -7.35 16.09
C LYS E 144 20.60 -8.74 15.98
N THR E 145 20.01 -9.61 15.16
CA THR E 145 20.51 -10.97 15.06
C THR E 145 21.71 -10.96 14.13
N LEU E 146 21.68 -10.06 13.18
CA LEU E 146 22.79 -9.81 12.28
C LEU E 146 23.98 -9.27 13.04
N ARG E 147 23.71 -8.46 14.05
CA ARG E 147 24.80 -7.84 14.76
C ARG E 147 25.54 -8.92 15.54
N HIS E 148 24.78 -9.93 15.98
CA HIS E 148 25.34 -11.01 16.78
C HIS E 148 26.12 -12.00 15.90
N LEU E 149 25.57 -12.27 14.72
CA LEU E 149 26.20 -13.19 13.79
C LEU E 149 27.52 -12.63 13.26
N ALA E 150 27.58 -11.33 13.01
CA ALA E 150 28.79 -10.71 12.48
C ALA E 150 29.95 -10.83 13.46
N SER E 151 29.65 -10.72 14.75
CA SER E 151 30.70 -10.69 15.74
C SER E 151 31.11 -12.10 16.11
N GLU E 152 30.36 -13.07 15.63
CA GLU E 152 30.72 -14.47 15.87
C GLU E 152 31.65 -14.97 14.78
N PHE E 153 31.41 -14.51 13.56
CA PHE E 153 32.14 -14.98 12.40
C PHE E 153 33.39 -14.14 12.16
N PHE E 154 33.26 -12.83 12.34
CA PHE E 154 34.32 -11.94 11.94
C PHE E 154 35.02 -11.28 13.09
N ILE E 155 36.26 -10.89 12.84
CA ILE E 155 37.03 -10.06 13.73
C ILE E 155 36.92 -8.65 13.17
N LEU E 156 36.43 -7.72 13.98
CA LEU E 156 36.00 -6.41 13.50
C LEU E 156 36.77 -5.27 14.15
N GLU E 157 37.30 -4.37 13.33
CA GLU E 157 37.98 -3.19 13.83
C GLU E 157 37.15 -1.95 13.50
N GLU E 158 36.57 -1.35 14.53
CA GLU E 158 35.64 -0.23 14.34
C GLU E 158 36.36 1.10 14.24
N ILE E 159 36.10 1.82 13.16
CA ILE E 159 36.73 3.12 12.92
C ILE E 159 35.76 4.28 13.11
N SER E 166 34.58 2.92 1.66
CA SER E 166 33.46 1.98 1.56
C SER E 166 33.15 1.65 0.09
N SER E 167 32.56 0.48 -0.14
CA SER E 167 32.34 0.04 -1.52
C SER E 167 30.86 0.04 -1.89
N ASP E 168 30.09 0.87 -1.19
CA ASP E 168 28.69 1.12 -1.53
C ASP E 168 28.64 2.00 -2.76
N TYR E 169 27.45 2.38 -3.19
CA TYR E 169 27.31 3.26 -4.33
C TYR E 169 27.58 4.69 -3.88
N GLU E 170 27.36 4.95 -2.60
CA GLU E 170 27.23 6.31 -2.12
C GLU E 170 28.54 7.10 -2.06
N ALA E 171 29.66 6.40 -2.17
CA ALA E 171 30.95 7.05 -2.19
C ALA E 171 31.15 7.80 -3.51
N GLU E 172 30.75 7.19 -4.61
CA GLU E 172 30.91 7.82 -5.93
C GLU E 172 29.84 8.87 -6.19
N ILE E 173 28.65 8.66 -5.65
CA ILE E 173 27.59 9.66 -5.71
C ILE E 173 27.96 10.90 -4.89
N ARG E 174 28.56 10.66 -3.72
CA ARG E 174 29.05 11.73 -2.86
C ARG E 174 30.05 12.56 -3.62
N HIS E 175 31.00 11.89 -4.24
CA HIS E 175 32.05 12.58 -4.96
C HIS E 175 31.50 13.48 -6.06
N ILE E 176 30.52 12.97 -6.81
CA ILE E 176 29.90 13.73 -7.87
C ILE E 176 29.28 15.01 -7.32
N LEU E 177 28.57 14.89 -6.21
CA LEU E 177 28.01 16.07 -5.52
C LEU E 177 29.08 17.09 -5.10
N LYS E 178 30.23 16.63 -4.60
CA LYS E 178 31.31 17.54 -4.30
C LYS E 178 31.62 18.32 -5.56
N GLU E 179 31.86 17.58 -6.64
CA GLU E 179 32.24 18.22 -7.89
C GLU E 179 31.20 19.20 -8.41
N ARG E 180 29.93 18.89 -8.18
CA ARG E 180 28.86 19.80 -8.60
C ARG E 180 28.80 21.03 -7.72
N GLY E 181 29.44 20.96 -6.56
CA GLY E 181 29.40 22.05 -5.61
C GLY E 181 28.20 22.00 -4.69
N GLU E 182 27.66 20.81 -4.47
CA GLU E 182 26.66 20.63 -3.42
C GLU E 182 27.37 20.09 -2.19
N SER E 183 26.67 20.02 -1.06
CA SER E 183 27.29 19.48 0.15
C SER E 183 26.80 18.07 0.44
N PRO E 184 27.67 17.08 0.18
CA PRO E 184 27.34 15.67 0.44
C PRO E 184 26.82 15.58 1.85
N GLU E 185 27.43 16.37 2.72
CA GLU E 185 27.17 16.35 4.15
C GLU E 185 25.69 16.29 4.48
N LYS E 186 24.84 16.90 3.64
CA LYS E 186 23.41 16.96 3.92
C LYS E 186 22.68 15.68 3.55
N TYR E 187 23.32 14.85 2.74
CA TYR E 187 22.67 13.64 2.24
C TYR E 187 23.41 12.37 2.66
N PHE E 188 24.75 12.42 2.61
CA PHE E 188 25.59 11.32 3.07
C PHE E 188 26.59 11.80 4.11
N PRO E 189 26.11 12.24 5.26
CA PRO E 189 27.01 12.75 6.30
C PRO E 189 28.07 11.70 6.66
N GLU E 190 29.29 12.16 6.89
CA GLU E 190 30.37 11.26 7.28
C GLU E 190 30.04 10.55 8.59
N HIS E 191 30.31 9.25 8.64
CA HIS E 191 30.00 8.46 9.82
C HIS E 191 31.01 7.33 9.99
N LYS E 192 31.11 6.81 11.21
CA LYS E 192 32.06 5.75 11.52
C LYS E 192 31.65 4.45 10.85
N GLN E 193 32.65 3.67 10.44
CA GLN E 193 32.40 2.38 9.79
C GLN E 193 33.08 1.26 10.55
N THR E 194 32.82 0.03 10.14
CA THR E 194 33.37 -1.13 10.83
C THR E 194 33.98 -2.11 9.85
N ARG E 195 35.29 -2.27 9.91
CA ARG E 195 35.99 -3.13 8.98
C ARG E 195 36.05 -4.56 9.49
N VAL E 196 35.83 -5.51 8.59
CA VAL E 196 36.12 -6.90 8.84
C VAL E 196 37.59 -7.12 8.53
N VAL E 197 38.37 -7.57 9.51
CA VAL E 197 39.81 -7.75 9.32
C VAL E 197 40.28 -9.19 9.56
N GLY E 198 39.35 -10.13 9.63
CA GLY E 198 39.71 -11.50 9.91
C GLY E 198 38.55 -12.40 10.25
N LEU E 199 38.88 -13.68 10.44
CA LEU E 199 37.90 -14.74 10.63
C LEU E 199 38.05 -15.40 12.00
N LYS E 200 37.01 -15.28 12.82
CA LYS E 200 36.95 -15.99 14.09
C LYS E 200 36.70 -17.47 13.83
N LYS E 201 36.22 -17.78 12.64
CA LYS E 201 35.57 -19.06 12.41
C LYS E 201 36.02 -19.62 11.08
N GLU E 202 35.66 -20.87 10.83
CA GLU E 202 35.88 -21.47 9.52
C GLU E 202 34.63 -21.27 8.66
N ILE E 203 34.79 -21.44 7.36
CA ILE E 203 33.66 -21.36 6.45
C ILE E 203 33.01 -22.74 6.28
N LEU F 6 27.18 -22.45 22.24
CA LEU F 6 26.47 -22.12 21.00
C LEU F 6 25.07 -21.64 21.32
N MSE F 7 24.68 -20.53 20.72
CA MSE F 7 23.46 -19.83 21.11
C MSE F 7 22.16 -20.51 20.65
O MSE F 7 22.00 -20.87 19.47
CB MSE F 7 23.50 -18.38 20.63
CG MSE F 7 23.10 -17.39 21.69
SE MSE F 7 22.07 -15.94 20.93
CE MSE F 7 21.54 -15.00 22.57
N ASP F 8 21.22 -20.64 21.58
CA ASP F 8 19.97 -21.37 21.35
C ASP F 8 18.94 -20.58 20.54
N VAL F 9 18.29 -21.28 19.60
CA VAL F 9 17.09 -20.79 18.93
C VAL F 9 16.04 -21.90 18.84
N HIS F 10 14.80 -21.53 19.09
CA HIS F 10 13.71 -22.50 18.98
C HIS F 10 12.96 -22.28 17.68
N VAL F 11 12.82 -23.35 16.91
CA VAL F 11 12.33 -23.26 15.54
C VAL F 11 11.02 -23.98 15.40
N LEU F 12 9.98 -23.25 15.01
CA LEU F 12 8.73 -23.88 14.61
C LEU F 12 9.06 -24.79 13.44
N PHE F 13 8.61 -26.04 13.51
CA PHE F 13 9.13 -27.07 12.63
C PHE F 13 8.01 -28.01 12.13
N SER F 14 7.88 -28.12 10.81
CA SER F 14 6.81 -28.93 10.23
C SER F 14 7.32 -30.33 9.86
N GLY F 15 8.61 -30.42 9.56
CA GLY F 15 9.16 -31.68 9.10
C GLY F 15 9.35 -31.72 7.60
N GLY F 16 8.69 -30.82 6.87
CA GLY F 16 8.85 -30.75 5.42
C GLY F 16 10.28 -30.35 5.04
N LYS F 17 10.66 -30.60 3.79
CA LYS F 17 12.02 -30.23 3.34
C LYS F 17 12.37 -28.76 3.56
N ASP F 18 11.42 -27.85 3.31
CA ASP F 18 11.69 -26.42 3.50
C ASP F 18 11.98 -26.06 4.96
N SER F 19 11.11 -26.52 5.87
CA SER F 19 11.35 -26.31 7.31
C SER F 19 12.68 -26.92 7.79
N SER F 20 12.99 -28.10 7.27
CA SER F 20 14.27 -28.75 7.55
C SER F 20 15.41 -27.82 7.14
N LEU F 21 15.26 -27.23 5.95
CA LEU F 21 16.21 -26.27 5.41
C LEU F 21 16.45 -25.04 6.31
N SER F 22 15.39 -24.48 6.88
CA SER F 22 15.57 -23.35 7.77
C SER F 22 16.40 -23.75 9.00
N ALA F 23 16.20 -24.97 9.49
CA ALA F 23 16.95 -25.47 10.65
C ALA F 23 18.42 -25.59 10.31
N VAL F 24 18.67 -26.28 9.21
CA VAL F 24 20.01 -26.46 8.71
C VAL F 24 20.78 -25.16 8.56
N ILE F 25 20.09 -24.11 8.08
CA ILE F 25 20.72 -22.81 7.91
C ILE F 25 21.12 -22.16 9.25
N LEU F 26 20.24 -22.23 10.24
CA LEU F 26 20.53 -21.67 11.55
C LEU F 26 21.74 -22.42 12.10
N LYS F 27 21.70 -23.73 11.97
CA LYS F 27 22.78 -24.58 12.46
C LYS F 27 24.12 -24.16 11.86
N LYS F 28 24.18 -24.11 10.53
CA LYS F 28 25.32 -23.61 9.78
C LYS F 28 25.80 -22.27 10.35
N LEU F 29 24.85 -21.44 10.75
CA LEU F 29 25.15 -20.11 11.22
C LEU F 29 25.63 -20.04 12.68
N GLY F 30 25.69 -21.18 13.36
CA GLY F 30 26.20 -21.23 14.73
C GLY F 30 25.15 -21.28 15.83
N TYR F 31 23.92 -21.58 15.45
CA TYR F 31 22.88 -21.68 16.44
C TYR F 31 22.69 -23.14 16.88
N ASN F 32 22.05 -23.31 18.03
CA ASN F 32 21.60 -24.61 18.50
C ASN F 32 20.09 -24.69 18.28
N PRO F 33 19.66 -25.41 17.24
CA PRO F 33 18.25 -25.38 16.84
C PRO F 33 17.38 -26.37 17.63
N HIS F 34 16.54 -25.83 18.52
CA HIS F 34 15.55 -26.66 19.18
C HIS F 34 14.29 -26.70 18.32
N LEU F 35 13.99 -27.85 17.75
CA LEU F 35 12.81 -27.99 16.90
C LEU F 35 11.56 -28.06 17.74
N ILE F 36 10.54 -27.31 17.34
CA ILE F 36 9.27 -27.34 18.01
C ILE F 36 8.17 -27.64 17.02
N THR F 37 7.29 -28.55 17.38
CA THR F 37 6.07 -28.76 16.62
C THR F 37 4.90 -28.59 17.56
N ILE F 38 3.84 -27.97 17.05
CA ILE F 38 2.70 -27.69 17.88
C ILE F 38 1.59 -28.70 17.65
N ASN F 39 0.91 -29.06 18.73
CA ASN F 39 -0.24 -29.95 18.65
C ASN F 39 -1.39 -29.40 19.47
N PHE F 40 -2.57 -29.38 18.88
CA PHE F 40 -3.76 -28.88 19.57
C PHE F 40 -4.61 -30.03 20.11
N GLY F 41 -4.01 -31.21 20.19
CA GLY F 41 -4.66 -32.36 20.82
C GLY F 41 -5.91 -32.83 20.09
N VAL F 42 -5.96 -32.61 18.79
CA VAL F 42 -7.03 -33.16 17.99
C VAL F 42 -6.58 -34.54 17.50
N ILE F 43 -5.42 -34.57 16.86
CA ILE F 43 -4.78 -35.82 16.45
C ILE F 43 -3.26 -35.66 16.47
N PRO F 44 -2.55 -36.79 16.59
CA PRO F 44 -1.07 -36.87 16.68
C PRO F 44 -0.34 -36.62 15.35
N SER F 45 -0.47 -35.41 14.80
CA SER F 45 0.10 -35.10 13.48
C SER F 45 1.59 -34.74 13.51
N TYR F 46 2.17 -34.71 14.71
CA TYR F 46 3.57 -34.32 14.91
C TYR F 46 4.55 -35.44 14.58
N LYS F 47 4.03 -36.65 14.41
CA LYS F 47 4.89 -37.81 14.16
C LYS F 47 5.90 -37.50 13.07
N LEU F 48 5.42 -37.06 11.91
CA LEU F 48 6.31 -36.76 10.80
C LEU F 48 7.46 -35.85 11.24
N ALA F 49 7.14 -34.75 11.89
CA ALA F 49 8.17 -33.77 12.24
C ALA F 49 9.13 -34.39 13.25
N GLU F 50 8.61 -35.30 14.06
CA GLU F 50 9.40 -36.02 15.06
C GLU F 50 10.49 -36.80 14.33
N GLU F 51 10.08 -37.60 13.37
CA GLU F 51 11.02 -38.43 12.64
C GLU F 51 12.02 -37.55 11.91
N THR F 52 11.53 -36.54 11.21
CA THR F 52 12.40 -35.65 10.47
C THR F 52 13.48 -35.10 11.39
N ALA F 53 13.05 -34.70 12.58
CA ALA F 53 13.95 -34.17 13.58
C ALA F 53 15.13 -35.10 13.82
N LYS F 54 14.87 -36.40 13.84
CA LYS F 54 15.92 -37.36 14.14
C LYS F 54 16.94 -37.46 13.00
N ILE F 55 16.45 -37.72 11.80
CA ILE F 55 17.27 -37.68 10.60
C ILE F 55 18.13 -36.41 10.53
N LEU F 56 17.53 -35.28 10.88
CA LEU F 56 18.25 -34.02 10.95
C LEU F 56 19.25 -34.05 12.11
N GLY F 57 18.97 -34.89 13.10
CA GLY F 57 19.83 -35.00 14.26
C GLY F 57 19.63 -33.85 15.21
N PHE F 58 18.41 -33.30 15.22
CA PHE F 58 18.11 -32.18 16.09
C PHE F 58 17.11 -32.53 17.19
N LYS F 59 17.17 -31.77 18.26
CA LYS F 59 16.25 -31.92 19.38
C LYS F 59 14.85 -31.47 18.99
N HIS F 60 13.84 -32.19 19.44
CA HIS F 60 12.49 -31.85 19.09
C HIS F 60 11.53 -31.86 20.31
N LYS F 61 10.76 -30.78 20.47
CA LYS F 61 9.70 -30.75 21.46
C LYS F 61 8.35 -30.61 20.79
N VAL F 62 7.38 -31.37 21.27
CA VAL F 62 6.01 -31.14 20.87
C VAL F 62 5.27 -30.36 21.96
N ILE F 63 4.80 -29.16 21.60
CA ILE F 63 4.12 -28.29 22.53
C ILE F 63 2.63 -28.32 22.28
N THR F 64 1.87 -28.60 23.33
CA THR F 64 0.43 -28.74 23.19
C THR F 64 -0.31 -27.46 23.57
N LEU F 65 -1.19 -27.03 22.68
CA LEU F 65 -1.96 -25.80 22.84
C LEU F 65 -3.44 -26.13 22.91
N ASP F 66 -4.27 -25.14 23.24
CA ASP F 66 -5.70 -25.41 23.33
C ASP F 66 -6.36 -25.59 21.97
N ARG F 67 -7.14 -26.68 21.88
CA ARG F 67 -7.91 -27.07 20.72
C ARG F 67 -8.73 -25.91 20.15
N LYS F 68 -9.20 -25.02 21.04
CA LYS F 68 -10.05 -23.90 20.64
C LYS F 68 -9.48 -23.14 19.45
N ILE F 69 -8.19 -22.88 19.51
CA ILE F 69 -7.47 -22.19 18.44
C ILE F 69 -7.84 -22.75 17.06
N VAL F 70 -7.69 -24.05 16.87
CA VAL F 70 -8.01 -24.67 15.57
C VAL F 70 -9.51 -24.80 15.33
N GLU F 71 -10.30 -24.78 16.39
CA GLU F 71 -11.75 -24.68 16.23
C GLU F 71 -12.13 -23.32 15.66
N LYS F 72 -11.49 -22.27 16.17
CA LYS F 72 -11.71 -20.95 15.60
C LYS F 72 -11.24 -20.92 14.16
N ALA F 73 -10.09 -21.53 13.90
CA ALA F 73 -9.57 -21.60 12.55
C ALA F 73 -10.56 -22.30 11.63
N ALA F 74 -11.07 -23.45 12.06
CA ALA F 74 -12.10 -24.15 11.32
C ALA F 74 -13.30 -23.23 11.07
N ASP F 75 -13.76 -22.56 12.12
CA ASP F 75 -14.80 -21.57 11.94
C ASP F 75 -14.44 -20.57 10.81
N MSE F 76 -13.23 -20.00 10.87
CA MSE F 76 -12.79 -18.99 9.89
C MSE F 76 -12.70 -19.54 8.47
O MSE F 76 -13.07 -18.86 7.51
CB MSE F 76 -11.44 -18.40 10.30
CG MSE F 76 -11.54 -17.51 11.50
SE MSE F 76 -9.80 -17.08 12.25
CE MSE F 76 -9.16 -15.96 10.80
N ILE F 77 -12.16 -20.75 8.34
CA ILE F 77 -12.11 -21.43 7.07
C ILE F 77 -13.51 -21.39 6.47
N ILE F 78 -14.48 -21.85 7.25
CA ILE F 78 -15.86 -22.00 6.79
C ILE F 78 -16.50 -20.63 6.51
N GLU F 79 -16.01 -19.61 7.19
CA GLU F 79 -16.51 -18.27 6.98
C GLU F 79 -15.85 -17.64 5.76
N HIS F 80 -14.57 -17.32 5.88
CA HIS F 80 -13.82 -16.72 4.77
C HIS F 80 -13.87 -17.57 3.51
N LYS F 81 -14.37 -18.80 3.62
CA LYS F 81 -14.43 -19.71 2.48
C LYS F 81 -13.07 -20.17 1.99
N TYR F 82 -12.00 -19.53 2.46
CA TYR F 82 -10.65 -19.98 2.12
C TYR F 82 -9.70 -19.96 3.33
N PRO F 83 -8.61 -20.75 3.27
CA PRO F 83 -7.82 -21.03 4.48
C PRO F 83 -6.95 -19.88 4.97
N GLY F 84 -6.47 -19.02 4.05
CA GLY F 84 -5.48 -17.98 4.35
C GLY F 84 -5.58 -17.28 5.71
N PRO F 85 -6.72 -16.64 5.98
CA PRO F 85 -6.84 -15.87 7.22
C PRO F 85 -6.77 -16.77 8.44
N ALA F 86 -7.26 -17.99 8.33
CA ALA F 86 -7.27 -18.93 9.44
C ALA F 86 -5.84 -19.30 9.79
N ILE F 87 -5.07 -19.64 8.77
CA ILE F 87 -3.67 -20.01 8.92
C ILE F 87 -2.85 -18.85 9.51
N GLN F 88 -3.00 -17.66 8.97
CA GLN F 88 -2.35 -16.48 9.54
C GLN F 88 -2.68 -16.39 11.03
N TYR F 89 -3.97 -16.45 11.34
CA TYR F 89 -4.45 -16.41 12.71
C TYR F 89 -3.82 -17.49 13.60
N VAL F 90 -3.82 -18.75 13.16
CA VAL F 90 -3.24 -19.81 13.97
C VAL F 90 -1.78 -19.48 14.21
N HIS F 91 -1.11 -19.01 13.16
CA HIS F 91 0.32 -18.77 13.24
C HIS F 91 0.71 -17.60 14.16
N LYS F 92 0.01 -16.49 14.02
CA LYS F 92 0.28 -15.31 14.84
C LYS F 92 0.09 -15.62 16.31
N THR F 93 -1.02 -16.29 16.58
CA THR F 93 -1.43 -16.70 17.91
C THR F 93 -0.36 -17.55 18.57
N VAL F 94 0.12 -18.52 17.81
CA VAL F 94 1.20 -19.39 18.23
C VAL F 94 2.46 -18.60 18.61
N LEU F 95 3.04 -17.89 17.65
CA LEU F 95 4.20 -17.03 17.92
C LEU F 95 4.06 -16.27 19.24
N GLU F 96 2.97 -15.52 19.36
CA GLU F 96 2.67 -14.75 20.57
C GLU F 96 2.94 -15.57 21.82
N ILE F 97 2.39 -16.77 21.84
CA ILE F 97 2.53 -17.62 23.00
C ILE F 97 3.99 -18.07 23.19
N LEU F 98 4.69 -18.34 22.09
CA LEU F 98 6.06 -18.84 22.18
C LEU F 98 7.06 -17.76 22.56
N ALA F 99 6.75 -16.52 22.19
CA ALA F 99 7.60 -15.38 22.52
C ALA F 99 7.65 -15.19 24.03
N ASP F 100 6.73 -15.83 24.73
CA ASP F 100 6.70 -15.76 26.19
C ASP F 100 7.78 -16.62 26.83
N GLU F 101 8.13 -17.74 26.19
CA GLU F 101 9.09 -18.68 26.78
C GLU F 101 10.47 -18.61 26.13
N TYR F 102 10.52 -18.11 24.91
CA TYR F 102 11.76 -18.14 24.13
C TYR F 102 12.05 -16.75 23.59
N SER F 103 13.33 -16.37 23.60
CA SER F 103 13.69 -15.01 23.28
C SER F 103 14.26 -14.92 21.87
N ILE F 104 14.56 -16.08 21.28
CA ILE F 104 14.98 -16.17 19.88
C ILE F 104 14.11 -17.17 19.11
N LEU F 105 13.22 -16.66 18.29
CA LEU F 105 12.22 -17.50 17.62
C LEU F 105 12.45 -17.58 16.12
N ALA F 106 12.18 -18.72 15.54
CA ALA F 106 12.29 -18.84 14.10
C ALA F 106 11.25 -19.80 13.57
N ASP F 107 10.93 -19.64 12.30
CA ASP F 107 10.05 -20.57 11.63
C ASP F 107 10.55 -20.79 10.21
N GLY F 108 9.67 -21.28 9.34
CA GLY F 108 10.01 -21.66 7.97
C GLY F 108 9.29 -20.85 6.90
N THR F 109 8.69 -19.74 7.31
CA THR F 109 8.04 -18.89 6.34
C THR F 109 9.02 -18.44 5.24
N ARG F 110 8.55 -18.42 4.00
CA ARG F 110 9.43 -18.18 2.84
C ARG F 110 8.93 -17.04 1.96
N ARG F 111 9.82 -16.61 1.07
CA ARG F 111 9.51 -15.60 0.08
C ARG F 111 8.22 -15.95 -0.64
N ASP F 112 8.21 -17.12 -1.27
CA ASP F 112 7.14 -17.43 -2.22
C ASP F 112 5.88 -18.11 -1.65
N ASP F 113 5.73 -18.18 -0.33
CA ASP F 113 4.45 -18.61 0.26
C ASP F 113 3.70 -17.42 0.87
N ARG F 114 2.48 -17.15 0.41
CA ARG F 114 1.78 -15.96 0.88
C ARG F 114 1.38 -16.09 2.35
N VAL F 115 1.06 -17.33 2.74
CA VAL F 115 0.58 -17.60 4.09
C VAL F 115 1.27 -18.85 4.68
N PRO F 116 1.59 -18.82 5.98
CA PRO F 116 1.54 -17.72 6.93
C PRO F 116 2.76 -16.81 6.77
N LYS F 117 2.68 -15.62 7.31
CA LYS F 117 3.72 -14.62 7.11
C LYS F 117 3.38 -13.31 7.83
N LEU F 118 4.34 -12.81 8.60
CA LEU F 118 4.18 -11.55 9.31
C LEU F 118 4.57 -10.41 8.41
N SER F 119 3.75 -9.37 8.41
CA SER F 119 4.10 -8.10 7.78
C SER F 119 5.29 -7.54 8.55
N TYR F 120 6.02 -6.61 7.95
CA TYR F 120 7.12 -5.96 8.63
C TYR F 120 6.63 -5.36 9.93
N SER F 121 5.54 -4.59 9.85
CA SER F 121 4.99 -3.95 11.05
C SER F 121 4.61 -5.00 12.08
N GLU F 122 4.08 -6.14 11.65
CA GLU F 122 3.77 -7.21 12.59
C GLU F 122 5.03 -7.72 13.28
N ILE F 123 6.11 -7.85 12.52
CA ILE F 123 7.39 -8.29 13.10
C ILE F 123 7.95 -7.27 14.10
N GLN F 124 8.02 -6.01 13.67
CA GLN F 124 8.56 -4.95 14.53
C GLN F 124 7.83 -4.88 15.86
N SER F 125 6.51 -5.03 15.79
CA SER F 125 5.64 -5.02 16.95
C SER F 125 5.91 -6.24 17.80
N LEU F 126 5.93 -7.40 17.17
CA LEU F 126 6.26 -8.62 17.88
C LEU F 126 7.55 -8.44 18.65
N GLU F 127 8.66 -8.14 17.96
CA GLU F 127 9.95 -7.96 18.63
C GLU F 127 9.88 -6.92 19.75
N MSE F 128 9.23 -5.79 19.45
CA MSE F 128 9.11 -4.69 20.42
C MSE F 128 8.38 -5.17 21.67
O MSE F 128 8.94 -5.19 22.77
CB MSE F 128 8.36 -3.51 19.80
CG MSE F 128 9.16 -2.23 19.62
SE MSE F 128 8.08 -0.59 19.93
CE MSE F 128 6.51 -1.12 18.89
N ARG F 129 7.13 -5.60 21.47
CA ARG F 129 6.24 -5.97 22.59
C ARG F 129 6.80 -7.08 23.49
N LYS F 130 7.51 -8.05 22.91
CA LYS F 130 7.87 -9.23 23.69
C LYS F 130 9.36 -9.33 23.87
N ASN F 131 10.07 -8.37 23.29
CA ASN F 131 11.52 -8.31 23.39
C ASN F 131 12.15 -9.62 22.95
N ILE F 132 12.04 -9.91 21.67
CA ILE F 132 12.64 -11.11 21.10
C ILE F 132 13.19 -10.85 19.71
N GLN F 133 14.13 -11.70 19.30
CA GLN F 133 14.55 -11.75 17.91
C GLN F 133 13.70 -12.78 17.18
N TYR F 134 13.09 -12.34 16.09
CA TYR F 134 12.30 -13.21 15.24
C TYR F 134 13.07 -13.41 13.94
N ILE F 135 13.41 -14.65 13.61
CA ILE F 135 14.21 -14.90 12.42
C ILE F 135 13.49 -15.85 11.44
N THR F 136 13.52 -15.49 10.15
CA THR F 136 12.88 -16.29 9.12
C THR F 136 13.87 -16.57 8.00
N PRO F 137 14.70 -17.59 8.20
CA PRO F 137 15.87 -17.80 7.36
C PRO F 137 15.53 -17.95 5.88
N LEU F 138 14.33 -18.45 5.56
CA LEU F 138 13.96 -18.72 4.17
C LEU F 138 13.34 -17.52 3.44
N MSE F 139 13.10 -16.45 4.18
CA MSE F 139 12.38 -15.32 3.60
C MSE F 139 13.01 -14.80 2.30
O MSE F 139 12.30 -14.34 1.42
CB MSE F 139 12.27 -14.16 4.60
CG MSE F 139 11.37 -13.04 4.12
SE MSE F 139 9.53 -13.67 3.84
CE MSE F 139 8.73 -11.95 3.40
N GLY F 140 14.33 -14.85 2.19
CA GLY F 140 15.00 -14.35 1.00
C GLY F 140 15.41 -15.39 -0.03
N PHE F 141 14.77 -16.55 0.01
CA PHE F 141 15.06 -17.63 -0.96
C PHE F 141 13.80 -18.03 -1.70
N GLY F 142 13.77 -17.79 -3.00
CA GLY F 142 12.66 -18.20 -3.84
C GLY F 142 12.38 -19.69 -3.89
N TYR F 143 11.20 -20.04 -4.37
CA TYR F 143 10.76 -21.41 -4.57
C TYR F 143 11.75 -22.24 -5.37
N LYS F 144 12.29 -21.65 -6.42
CA LYS F 144 13.26 -22.34 -7.26
C LYS F 144 14.59 -22.64 -6.56
N THR F 145 15.11 -21.71 -5.76
CA THR F 145 16.41 -21.98 -5.16
C THR F 145 16.25 -22.94 -3.98
N LEU F 146 15.15 -22.78 -3.27
CA LEU F 146 14.75 -23.76 -2.25
C LEU F 146 14.65 -25.16 -2.86
N ARG F 147 13.97 -25.31 -3.99
CA ARG F 147 13.79 -26.63 -4.56
C ARG F 147 15.14 -27.27 -4.80
N HIS F 148 16.11 -26.43 -5.12
CA HIS F 148 17.45 -26.90 -5.44
C HIS F 148 18.28 -27.21 -4.19
N LEU F 149 18.25 -26.33 -3.19
CA LEU F 149 19.02 -26.60 -1.98
C LEU F 149 18.53 -27.88 -1.30
N ALA F 150 17.22 -28.07 -1.25
CA ALA F 150 16.63 -29.25 -0.62
C ALA F 150 17.05 -30.54 -1.32
N SER F 151 17.16 -30.52 -2.63
CA SER F 151 17.58 -31.74 -3.30
C SER F 151 19.07 -31.92 -3.10
N GLU F 152 19.77 -30.82 -2.85
CA GLU F 152 21.20 -30.83 -2.58
C GLU F 152 21.52 -31.42 -1.19
N PHE F 153 20.68 -31.11 -0.22
CA PHE F 153 20.92 -31.54 1.17
C PHE F 153 20.23 -32.85 1.58
N PHE F 154 19.11 -33.17 0.95
CA PHE F 154 18.26 -34.24 1.46
C PHE F 154 17.96 -35.34 0.44
N ILE F 155 17.79 -36.55 0.95
CA ILE F 155 17.23 -37.65 0.17
C ILE F 155 15.72 -37.50 0.22
N LEU F 156 15.08 -37.53 -0.94
CA LEU F 156 13.70 -37.11 -1.02
C LEU F 156 12.79 -38.22 -1.54
N GLU F 157 11.64 -38.37 -0.89
CA GLU F 157 10.70 -39.42 -1.22
C GLU F 157 9.32 -38.86 -1.53
N GLU F 158 8.85 -39.11 -2.75
CA GLU F 158 7.54 -38.64 -3.18
C GLU F 158 6.46 -39.63 -2.74
N ILE F 159 5.27 -39.12 -2.40
CA ILE F 159 4.16 -39.99 -2.01
C ILE F 159 2.78 -39.54 -2.53
N LYS F 160 1.72 -40.05 -1.90
CA LYS F 160 0.36 -39.78 -2.33
C LYS F 160 -0.49 -39.19 -1.20
N SER F 166 2.00 -33.16 6.10
CA SER F 166 3.09 -32.84 7.02
C SER F 166 2.60 -32.59 8.46
N SER F 167 3.37 -31.82 9.22
CA SER F 167 3.10 -31.58 10.62
C SER F 167 2.74 -30.13 10.88
N ASP F 168 2.33 -29.41 9.84
CA ASP F 168 1.83 -28.05 10.05
C ASP F 168 0.41 -28.13 10.59
N TYR F 169 -0.25 -26.99 10.68
CA TYR F 169 -1.56 -26.92 11.32
C TYR F 169 -2.66 -27.54 10.47
N GLU F 170 -2.39 -27.74 9.19
CA GLU F 170 -3.40 -28.19 8.25
C GLU F 170 -4.06 -29.50 8.65
N ALA F 171 -3.25 -30.45 9.12
CA ALA F 171 -3.75 -31.79 9.40
C ALA F 171 -4.84 -31.80 10.49
N GLU F 172 -4.60 -31.08 11.58
CA GLU F 172 -5.54 -31.04 12.70
C GLU F 172 -6.78 -30.25 12.34
N ILE F 173 -6.60 -29.18 11.55
CA ILE F 173 -7.73 -28.37 11.13
C ILE F 173 -8.66 -29.21 10.25
N ARG F 174 -8.05 -30.03 9.40
CA ARG F 174 -8.78 -30.86 8.46
C ARG F 174 -9.68 -31.85 9.19
N HIS F 175 -9.08 -32.59 10.13
CA HIS F 175 -9.81 -33.52 10.95
C HIS F 175 -11.03 -32.83 11.55
N ILE F 176 -10.82 -31.65 12.14
CA ILE F 176 -11.90 -30.88 12.72
C ILE F 176 -13.03 -30.67 11.72
N LEU F 177 -12.68 -30.20 10.54
CA LEU F 177 -13.66 -30.03 9.48
C LEU F 177 -14.41 -31.33 9.19
N LYS F 178 -13.65 -32.43 9.17
CA LYS F 178 -14.19 -33.74 8.82
C LYS F 178 -15.18 -34.22 9.89
N GLU F 179 -14.89 -33.91 11.15
CA GLU F 179 -15.81 -34.20 12.23
C GLU F 179 -17.05 -33.32 12.16
N ARG F 180 -16.95 -32.22 11.43
CA ARG F 180 -18.09 -31.30 11.29
C ARG F 180 -18.92 -31.63 10.06
N GLY F 181 -18.52 -32.67 9.34
CA GLY F 181 -19.22 -33.09 8.15
C GLY F 181 -18.90 -32.20 6.97
N GLU F 182 -18.02 -31.23 7.20
CA GLU F 182 -17.49 -30.42 6.11
C GLU F 182 -16.51 -31.29 5.35
N SER F 183 -16.22 -30.94 4.11
CA SER F 183 -15.22 -31.67 3.35
C SER F 183 -13.93 -30.88 3.33
N PRO F 184 -12.87 -31.50 3.83
CA PRO F 184 -11.54 -30.88 3.85
C PRO F 184 -11.10 -30.49 2.45
N GLU F 185 -11.26 -31.42 1.50
CA GLU F 185 -10.89 -31.22 0.11
C GLU F 185 -11.16 -29.81 -0.39
N LYS F 186 -12.37 -29.29 -0.15
CA LYS F 186 -12.75 -27.97 -0.63
C LYS F 186 -11.63 -26.95 -0.43
N TYR F 187 -11.01 -26.96 0.74
CA TYR F 187 -10.00 -25.96 1.08
C TYR F 187 -8.61 -26.57 1.13
N PHE F 188 -8.55 -27.85 1.52
CA PHE F 188 -7.28 -28.56 1.61
C PHE F 188 -7.25 -29.77 0.70
N PRO F 189 -7.01 -29.54 -0.60
CA PRO F 189 -6.92 -30.63 -1.57
C PRO F 189 -5.63 -31.42 -1.39
N GLU F 190 -5.63 -32.67 -1.85
CA GLU F 190 -4.46 -33.53 -1.72
C GLU F 190 -3.42 -33.18 -2.76
N HIS F 191 -2.29 -32.67 -2.29
CA HIS F 191 -1.22 -32.19 -3.17
C HIS F 191 0.04 -33.00 -2.96
N LYS F 192 0.50 -33.64 -4.04
CA LYS F 192 1.74 -34.42 -4.02
C LYS F 192 2.71 -33.93 -2.96
N GLN F 193 2.92 -34.76 -1.94
CA GLN F 193 3.77 -34.38 -0.82
C GLN F 193 5.11 -35.09 -0.91
N THR F 194 6.15 -34.44 -0.40
CA THR F 194 7.49 -35.01 -0.45
C THR F 194 8.12 -35.14 0.93
N ARG F 195 8.70 -36.31 1.20
CA ARG F 195 9.24 -36.61 2.53
C ARG F 195 10.76 -36.50 2.59
N VAL F 196 11.27 -35.90 3.66
CA VAL F 196 12.69 -35.98 3.97
C VAL F 196 12.97 -37.36 4.54
N VAL F 197 14.04 -38.01 4.06
CA VAL F 197 14.30 -39.37 4.52
C VAL F 197 15.78 -39.64 4.81
N GLY F 198 16.62 -38.65 4.54
CA GLY F 198 18.03 -38.75 4.89
C GLY F 198 18.86 -37.57 4.44
N LEU F 199 19.99 -37.36 5.11
CA LEU F 199 20.91 -36.29 4.73
C LEU F 199 21.81 -36.75 3.60
N LYS F 200 22.16 -35.82 2.72
CA LYS F 200 23.20 -36.07 1.75
C LYS F 200 24.49 -35.54 2.35
N LYS F 201 24.68 -34.23 2.30
CA LYS F 201 25.77 -33.61 3.07
C LYS F 201 25.41 -33.61 4.55
N GLU F 202 26.43 -33.62 5.40
CA GLU F 202 26.23 -33.44 6.82
C GLU F 202 26.05 -31.95 7.16
N ILE F 203 26.05 -31.66 8.45
CA ILE F 203 25.80 -30.30 8.93
C ILE F 203 26.89 -29.84 9.90
C1 GOL G . -2.64 16.80 -30.68
O1 GOL G . -3.08 15.60 -31.28
C2 GOL G . -2.73 16.63 -29.17
O2 GOL G . -4.08 16.70 -28.79
C3 GOL G . -1.92 17.68 -28.42
O3 GOL G . -2.09 17.47 -27.04
C1 GOL H . -24.29 5.91 22.66
O1 GOL H . -24.92 5.31 21.54
C2 GOL H . -24.08 7.37 22.31
O2 GOL H . -24.80 7.60 21.13
C3 GOL H . -24.61 8.28 23.42
O3 GOL H . -24.29 7.75 24.69
C1 GOL I . 27.16 -2.13 3.84
O1 GOL I . 26.58 -2.77 2.72
C2 GOL I . 27.81 -3.15 4.78
O2 GOL I . 27.32 -4.48 4.56
C3 GOL I . 27.57 -2.74 6.24
O3 GOL I . 27.49 -3.88 7.07
C1 GOL J . 5.66 -27.60 5.19
O1 GOL J . 5.17 -26.33 5.52
C2 GOL J . 6.97 -27.43 4.42
O2 GOL J . 8.03 -27.47 5.32
C3 GOL J . 7.13 -28.52 3.35
O3 GOL J . 8.05 -28.11 2.34
#